data_8QZR
#
_entry.id   8QZR
#
_cell.length_a   251.576
_cell.length_b   251.576
_cell.length_c   251.576
_cell.angle_alpha   90.000
_cell.angle_beta   90.000
_cell.angle_gamma   90.000
#
_symmetry.space_group_name_H-M   'I 2 3'
#
loop_
_entity.id
_entity.type
_entity.pdbx_description
1 polymer 'BA.4/5-9 light chain'
2 polymer 'BA.4/5-9 heavy chain'
3 polymer 'Spike protein S1'
4 non-polymer 2-acetamido-2-deoxy-beta-D-glucopyranose
5 non-polymer 'SULFATE ION'
#
loop_
_entity_poly.entity_id
_entity_poly.type
_entity_poly.pdbx_seq_one_letter_code
_entity_poly.pdbx_strand_id
1 'polypeptide(L)'
;EIGMTQSPATLSLSPGERGTLSCRASQSVSSYLAWYQQKPGQAPRLLIYNASNRATGIPARFSGSGSGTDFTLTISSLEP
EDFAVYYCQQHYNWPRYSFGQGTKVDIKRTVAAPSVFIFPPSDEQLKSGTASVVCLLNNFYPREAKVQWKVDNALQSGNS
QESVTEQDSKDSTYSLSSTLTLSKADYEKHKVYACEVTHQGLSSPVTKSFNRGEC
;
L,B
2 'polypeptide(L)'
;EVQLVQSGPEVKKPGASVKVSCKASGDTFINSFFHWVRQAPGQGLEWMGIINPSGVSTTYAQKFQGRVTMTRDTSTTTFY
MELSSLRSADTAVYYCARENGGNSGDFDYWGQGALVTVSSASTKGPSVFPLAPSSKSTSGGTAALGCLVKDYFPEPVTVS
WNSGALTSGVHTFPAVLQSSGLYSLSSVVTVPSSSLGTQTYICNVNHKPSNTKVDKRVEPKSCDK
;
H,A
3 'polypeptide(L)'
;HHHHHHTNLCPFGEVFNATRFASVYAWNRKRISNCVADYSVLYNSASFSTFKCYGVSPTKLNDLCFTNVYADSFVIRGDE
VRQIAPGQTGKIADYNYKLPDDFTGCVIAWNSNNLDSKVGGNYNYRYRLFRKSNLKPFERDISTEIYQAGSKPCNGVEGF
NCYFPLQSYGFQPTNGVGYQPYRVVVLSFELLHAPATVCGKK
;
C,E
#
loop_
_chem_comp.id
_chem_comp.type
_chem_comp.name
_chem_comp.formula
NAG D-saccharide, beta linking 2-acetamido-2-deoxy-beta-D-glucopyranose 'C8 H15 N O6'
SO4 non-polymer 'SULFATE ION' 'O4 S -2'
#
# COMPACT_ATOMS: atom_id res chain seq x y z
N GLU A 1 15.91 21.16 -7.17
CA GLU A 1 14.79 20.52 -7.84
C GLU A 1 14.46 21.25 -9.15
N ILE A 2 13.44 20.76 -9.85
CA ILE A 2 13.01 21.33 -11.12
C ILE A 2 11.92 22.37 -10.87
N GLY A 3 12.10 23.56 -11.43
CA GLY A 3 11.12 24.62 -11.30
C GLY A 3 10.27 24.72 -12.55
N MET A 4 8.95 24.78 -12.33
CA MET A 4 7.98 24.85 -13.41
C MET A 4 7.33 26.22 -13.43
N THR A 5 7.30 26.84 -14.60
CA THR A 5 6.74 28.18 -14.79
C THR A 5 5.63 28.11 -15.83
N GLN A 6 4.45 28.60 -15.46
CA GLN A 6 3.31 28.68 -16.36
C GLN A 6 3.08 30.12 -16.78
N SER A 7 2.70 30.31 -18.05
CA SER A 7 2.43 31.63 -18.59
C SER A 7 1.27 31.56 -19.57
N PRO A 8 0.37 32.55 -19.54
CA PRO A 8 0.34 33.71 -18.64
C PRO A 8 -0.19 33.33 -17.26
N ALA A 9 -0.18 34.25 -16.30
CA ALA A 9 -0.75 33.94 -14.99
C ALA A 9 -2.26 33.77 -15.08
N THR A 10 -2.91 34.55 -15.93
CA THR A 10 -4.35 34.44 -16.15
C THR A 10 -4.63 34.67 -17.63
N LEU A 11 -5.47 33.81 -18.20
CA LEU A 11 -5.89 33.91 -19.59
C LEU A 11 -7.40 34.06 -19.63
N SER A 12 -7.87 35.09 -20.33
CA SER A 12 -9.28 35.44 -20.35
C SER A 12 -9.75 35.44 -21.80
N LEU A 13 -10.53 34.43 -22.17
CA LEU A 13 -10.99 34.27 -23.55
C LEU A 13 -12.48 33.93 -23.53
N SER A 14 -13.14 34.24 -24.64
CA SER A 14 -14.57 34.04 -24.77
C SER A 14 -14.87 32.58 -25.16
N PRO A 15 -16.09 32.11 -24.91
CA PRO A 15 -16.44 30.75 -25.34
C PRO A 15 -16.29 30.58 -26.84
N GLY A 16 -15.62 29.51 -27.24
CA GLY A 16 -15.31 29.25 -28.63
C GLY A 16 -13.93 29.71 -29.06
N GLU A 17 -13.24 30.51 -28.25
CA GLU A 17 -11.90 30.96 -28.59
C GLU A 17 -10.89 29.86 -28.40
N ARG A 18 -9.73 30.03 -29.03
CA ARG A 18 -8.62 29.09 -28.91
C ARG A 18 -7.76 29.49 -27.72
N GLY A 19 -7.53 28.56 -26.81
CA GLY A 19 -6.78 28.82 -25.59
C GLY A 19 -5.43 28.11 -25.63
N THR A 20 -4.39 28.83 -25.23
CA THR A 20 -3.02 28.31 -25.22
C THR A 20 -2.40 28.60 -23.87
N LEU A 21 -2.06 27.54 -23.14
CA LEU A 21 -1.41 27.65 -21.85
C LEU A 21 0.01 27.11 -21.95
N SER A 22 0.97 27.89 -21.48
CA SER A 22 2.38 27.51 -21.56
C SER A 22 2.87 27.01 -20.21
N CYS A 23 3.83 26.09 -20.26
CA CYS A 23 4.47 25.55 -19.07
C CYS A 23 5.93 25.34 -19.41
N ARG A 24 6.81 26.04 -18.70
CA ARG A 24 8.24 26.00 -18.98
C ARG A 24 8.98 25.40 -17.80
N ALA A 25 9.88 24.46 -18.09
CA ALA A 25 10.66 23.76 -17.07
C ALA A 25 12.05 24.36 -16.97
N SER A 26 12.60 24.34 -15.75
CA SER A 26 13.94 24.87 -15.53
C SER A 26 14.99 24.01 -16.21
N GLN A 27 14.72 22.73 -16.42
CA GLN A 27 15.62 21.87 -17.16
C GLN A 27 14.80 20.84 -17.93
N SER A 28 15.46 20.12 -18.83
CA SER A 28 14.79 19.17 -19.69
C SER A 28 14.14 18.06 -18.87
N VAL A 29 12.83 17.89 -19.03
CA VAL A 29 12.10 16.81 -18.42
C VAL A 29 11.64 15.78 -19.46
N SER A 30 12.29 15.77 -20.62
CA SER A 30 11.95 14.88 -21.74
C SER A 30 10.45 15.05 -22.03
N SER A 31 9.69 13.97 -22.19
CA SER A 31 8.24 14.04 -22.30
C SER A 31 7.55 13.77 -20.97
N TYR A 32 8.26 13.94 -19.86
CA TYR A 32 7.73 13.66 -18.53
C TYR A 32 7.01 14.90 -18.00
N LEU A 33 5.76 15.05 -18.43
CA LEU A 33 4.98 16.24 -18.13
C LEU A 33 3.49 15.88 -18.17
N ALA A 34 2.73 16.42 -17.22
CA ALA A 34 1.30 16.15 -17.13
C ALA A 34 0.54 17.44 -16.83
N TRP A 35 -0.66 17.54 -17.39
CA TRP A 35 -1.54 18.69 -17.22
C TRP A 35 -2.76 18.30 -16.41
N TYR A 36 -3.27 19.25 -15.62
CA TYR A 36 -4.40 19.01 -14.72
C TYR A 36 -5.39 20.16 -14.77
N GLN A 37 -6.65 19.84 -14.54
CA GLN A 37 -7.72 20.82 -14.40
C GLN A 37 -8.36 20.67 -13.02
N GLN A 38 -8.45 21.77 -12.29
CA GLN A 38 -9.11 21.79 -10.98
C GLN A 38 -10.24 22.80 -11.00
N LYS A 39 -11.47 22.32 -10.95
CA LYS A 39 -12.62 23.20 -10.84
C LYS A 39 -12.76 23.66 -9.39
N PRO A 40 -13.40 24.81 -9.17
CA PRO A 40 -13.47 25.36 -7.81
C PRO A 40 -14.12 24.39 -6.83
N GLY A 41 -13.50 24.25 -5.66
CA GLY A 41 -13.98 23.34 -4.64
C GLY A 41 -13.83 21.87 -4.96
N GLN A 42 -13.22 21.53 -6.09
CA GLN A 42 -13.05 20.15 -6.51
C GLN A 42 -11.59 19.72 -6.36
N ALA A 43 -11.39 18.42 -6.39
CA ALA A 43 -10.05 17.87 -6.52
C ALA A 43 -9.58 18.02 -7.98
N PRO A 44 -8.28 18.11 -8.20
CA PRO A 44 -7.77 18.25 -9.57
C PRO A 44 -8.16 17.06 -10.44
N ARG A 45 -8.07 17.26 -11.75
CA ARG A 45 -8.43 16.25 -12.73
C ARG A 45 -7.39 16.23 -13.84
N LEU A 46 -6.80 15.06 -14.07
CA LEU A 46 -5.81 14.92 -15.13
C LEU A 46 -6.44 15.14 -16.49
N LEU A 47 -5.77 15.95 -17.33
CA LEU A 47 -6.17 16.14 -18.72
C LEU A 47 -5.22 15.43 -19.67
N ILE A 48 -3.95 15.79 -19.64
CA ILE A 48 -2.94 15.24 -20.54
C ILE A 48 -1.81 14.66 -19.71
N TYR A 49 -1.34 13.49 -20.11
CA TYR A 49 -0.18 12.85 -19.49
C TYR A 49 0.86 12.58 -20.55
N ASN A 50 2.12 12.56 -20.14
CA ASN A 50 3.26 12.39 -21.04
C ASN A 50 3.20 13.41 -22.17
N ALA A 51 2.91 14.67 -21.79
CA ALA A 51 3.00 15.84 -22.65
C ALA A 51 1.93 15.91 -23.74
N SER A 52 1.60 14.79 -24.39
CA SER A 52 0.75 14.87 -25.57
C SER A 52 -0.33 13.80 -25.64
N ASN A 53 -0.51 12.99 -24.62
CA ASN A 53 -1.49 11.90 -24.66
C ASN A 53 -2.74 12.29 -23.87
N ARG A 54 -3.89 12.12 -24.50
CA ARG A 54 -5.17 12.46 -23.87
C ARG A 54 -5.59 11.34 -22.91
N ALA A 55 -6.02 11.72 -21.72
CA ALA A 55 -6.48 10.74 -20.74
C ALA A 55 -7.84 10.19 -21.14
N THR A 56 -8.26 9.15 -20.42
CA THR A 56 -9.54 8.51 -20.71
C THR A 56 -10.68 9.47 -20.41
N GLY A 57 -11.64 9.55 -21.33
CA GLY A 57 -12.82 10.37 -21.13
C GLY A 57 -12.61 11.86 -21.18
N ILE A 58 -11.40 12.31 -21.52
CA ILE A 58 -11.14 13.74 -21.63
C ILE A 58 -11.69 14.26 -22.95
N PRO A 59 -12.40 15.39 -22.96
CA PRO A 59 -12.95 15.90 -24.22
C PRO A 59 -11.85 16.17 -25.24
N ALA A 60 -12.21 16.06 -26.51
CA ALA A 60 -11.24 16.17 -27.59
C ALA A 60 -10.66 17.58 -27.70
N ARG A 61 -11.35 18.59 -27.16
CA ARG A 61 -10.85 19.96 -27.25
C ARG A 61 -9.59 20.18 -26.43
N PHE A 62 -9.21 19.22 -25.59
CA PHE A 62 -7.97 19.30 -24.82
C PHE A 62 -6.87 18.54 -25.55
N SER A 63 -5.72 19.18 -25.68
CA SER A 63 -4.56 18.56 -26.32
C SER A 63 -3.30 19.19 -25.75
N GLY A 64 -2.21 18.44 -25.82
CA GLY A 64 -0.93 18.92 -25.33
C GLY A 64 0.16 18.65 -26.35
N SER A 65 1.20 19.48 -26.27
CA SER A 65 2.35 19.34 -27.16
C SER A 65 3.58 19.88 -26.44
N GLY A 66 4.75 19.48 -26.94
CA GLY A 66 6.00 19.98 -26.41
C GLY A 66 6.86 18.90 -25.79
N SER A 67 8.15 19.17 -25.66
CA SER A 67 9.08 18.23 -25.05
C SER A 67 10.29 19.01 -24.54
N GLY A 68 11.02 18.38 -23.63
CA GLY A 68 12.18 19.02 -23.05
C GLY A 68 11.84 20.05 -21.98
N THR A 69 11.78 21.32 -22.38
CA THR A 69 11.58 22.41 -21.44
C THR A 69 10.31 23.21 -21.67
N ASP A 70 9.79 23.27 -22.89
CA ASP A 70 8.62 24.06 -23.22
C ASP A 70 7.44 23.15 -23.53
N PHE A 71 6.30 23.41 -22.88
CA PHE A 71 5.10 22.62 -23.05
C PHE A 71 3.91 23.55 -23.22
N THR A 72 2.89 23.06 -23.94
CA THR A 72 1.74 23.87 -24.29
C THR A 72 0.47 23.06 -24.15
N LEU A 73 -0.49 23.59 -23.40
CA LEU A 73 -1.83 23.03 -23.31
C LEU A 73 -2.78 23.87 -24.14
N THR A 74 -3.48 23.22 -25.07
CA THR A 74 -4.33 23.90 -26.02
C THR A 74 -5.78 23.44 -25.85
N ILE A 75 -6.67 24.40 -25.68
CA ILE A 75 -8.11 24.16 -25.69
C ILE A 75 -8.65 24.78 -26.97
N SER A 76 -8.97 23.93 -27.95
CA SER A 76 -9.29 24.42 -29.30
C SER A 76 -10.53 25.31 -29.29
N SER A 77 -11.51 24.99 -28.46
CA SER A 77 -12.75 25.77 -28.37
C SER A 77 -13.18 25.76 -26.91
N LEU A 78 -12.98 26.89 -26.23
CA LEU A 78 -13.29 26.98 -24.81
C LEU A 78 -14.79 26.88 -24.59
N GLU A 79 -15.17 26.15 -23.54
CA GLU A 79 -16.54 26.03 -23.11
C GLU A 79 -16.68 26.60 -21.71
N PRO A 80 -17.89 27.00 -21.30
CA PRO A 80 -18.06 27.53 -19.94
C PRO A 80 -17.60 26.59 -18.85
N GLU A 81 -17.74 25.27 -19.06
CA GLU A 81 -17.31 24.29 -18.06
C GLU A 81 -15.80 24.29 -17.85
N ASP A 82 -15.04 25.01 -18.67
CA ASP A 82 -13.59 25.00 -18.59
C ASP A 82 -13.03 26.13 -17.73
N PHE A 83 -13.88 26.92 -17.08
CA PHE A 83 -13.40 27.88 -16.09
C PHE A 83 -12.77 27.13 -14.92
N ALA A 84 -11.44 27.22 -14.80
CA ALA A 84 -10.70 26.50 -13.76
C ALA A 84 -9.26 26.98 -13.78
N VAL A 85 -8.50 26.52 -12.79
CA VAL A 85 -7.06 26.72 -12.73
C VAL A 85 -6.40 25.44 -13.25
N TYR A 86 -5.42 25.60 -14.14
CA TYR A 86 -4.76 24.47 -14.78
C TYR A 86 -3.30 24.41 -14.35
N TYR A 87 -2.88 23.25 -13.85
CA TYR A 87 -1.52 23.03 -13.37
C TYR A 87 -0.81 22.01 -14.24
N CYS A 88 0.47 22.27 -14.51
CA CYS A 88 1.36 21.27 -15.07
C CYS A 88 2.24 20.68 -13.99
N GLN A 89 2.72 19.46 -14.23
CA GLN A 89 3.47 18.72 -13.23
C GLN A 89 4.57 17.91 -13.89
N GLN A 90 5.79 18.03 -13.37
CA GLN A 90 6.94 17.29 -13.85
C GLN A 90 7.18 16.04 -13.02
N HIS A 91 7.89 15.07 -13.64
CA HIS A 91 8.24 13.84 -12.95
C HIS A 91 9.49 13.17 -13.52
N TYR A 92 10.32 13.90 -14.27
CA TYR A 92 11.49 13.32 -14.91
C TYR A 92 12.29 12.46 -13.95
N ASN A 93 12.59 12.98 -12.77
CA ASN A 93 13.24 12.20 -11.72
C ASN A 93 12.14 11.52 -10.92
N TRP A 94 12.00 10.20 -11.12
CA TRP A 94 10.84 9.46 -10.62
C TRP A 94 10.46 9.78 -9.18
N PRO A 95 11.38 9.82 -8.21
CA PRO A 95 10.95 10.02 -6.82
C PRO A 95 10.13 11.28 -6.58
N ARG A 96 10.48 12.40 -7.22
CA ARG A 96 9.90 13.68 -6.88
C ARG A 96 9.09 14.28 -8.03
N TYR A 97 8.20 15.19 -7.63
CA TYR A 97 7.27 15.85 -8.54
C TYR A 97 7.08 17.29 -8.06
N SER A 98 6.97 18.22 -9.00
CA SER A 98 6.63 19.61 -8.68
C SER A 98 5.55 20.09 -9.63
N PHE A 99 4.80 21.08 -9.19
CA PHE A 99 3.72 21.66 -9.97
C PHE A 99 4.06 23.08 -10.40
N GLY A 100 3.44 23.51 -11.50
CA GLY A 100 3.46 24.91 -11.86
C GLY A 100 2.59 25.73 -10.94
N GLN A 101 2.74 27.05 -11.02
CA GLN A 101 1.97 27.94 -10.18
C GLN A 101 0.49 28.00 -10.59
N GLY A 102 0.15 27.48 -11.75
CA GLY A 102 -1.24 27.46 -12.19
C GLY A 102 -1.64 28.67 -13.00
N THR A 103 -2.42 28.45 -14.06
CA THR A 103 -2.97 29.52 -14.88
C THR A 103 -4.48 29.46 -14.77
N LYS A 104 -5.08 30.50 -14.19
CA LYS A 104 -6.52 30.54 -14.01
C LYS A 104 -7.17 30.97 -15.31
N VAL A 105 -8.04 30.13 -15.84
CA VAL A 105 -8.72 30.38 -17.11
C VAL A 105 -10.06 31.01 -16.81
N ASP A 106 -10.20 32.28 -17.17
CA ASP A 106 -11.44 33.01 -17.00
C ASP A 106 -12.18 33.11 -18.32
N ILE A 107 -13.52 33.13 -18.24
CA ILE A 107 -14.37 33.32 -19.40
C ILE A 107 -14.46 34.82 -19.64
N LYS A 108 -13.71 35.31 -20.64
CA LYS A 108 -13.64 36.74 -20.93
C LYS A 108 -15.02 37.35 -21.10
N ARG A 109 -15.26 38.43 -20.36
CA ARG A 109 -16.42 39.27 -20.54
C ARG A 109 -15.95 40.71 -20.66
N THR A 110 -16.79 41.54 -21.30
CA THR A 110 -16.46 42.94 -21.47
C THR A 110 -16.23 43.61 -20.12
N VAL A 111 -15.40 44.65 -20.12
CA VAL A 111 -15.10 45.38 -18.89
C VAL A 111 -16.36 46.02 -18.36
N ALA A 112 -16.58 45.88 -17.05
CA ALA A 112 -17.78 46.39 -16.41
C ALA A 112 -17.40 47.12 -15.13
N ALA A 113 -18.06 48.26 -14.89
CA ALA A 113 -17.81 49.05 -13.70
C ALA A 113 -18.55 48.45 -12.49
N PRO A 114 -17.97 48.56 -11.30
CA PRO A 114 -18.61 47.98 -10.11
C PRO A 114 -19.62 48.92 -9.47
N SER A 115 -20.69 48.32 -8.94
CA SER A 115 -21.68 49.05 -8.16
C SER A 115 -21.22 49.08 -6.71
N VAL A 116 -21.02 50.28 -6.17
CA VAL A 116 -20.37 50.47 -4.87
C VAL A 116 -21.41 50.79 -3.82
N PHE A 117 -21.25 50.18 -2.64
CA PHE A 117 -22.10 50.44 -1.49
C PHE A 117 -21.23 50.48 -0.24
N ILE A 118 -21.64 51.29 0.73
CA ILE A 118 -20.89 51.48 1.98
C ILE A 118 -21.82 51.22 3.15
N PHE A 119 -21.30 50.60 4.21
CA PHE A 119 -22.09 50.20 5.36
C PHE A 119 -21.41 50.63 6.64
N PRO A 120 -22.05 51.43 7.49
CA PRO A 120 -21.44 51.81 8.77
C PRO A 120 -21.46 50.63 9.73
N PRO A 121 -20.69 50.70 10.83
CA PRO A 121 -20.78 49.66 11.86
C PRO A 121 -22.18 49.61 12.46
N SER A 122 -22.55 48.43 12.94
CA SER A 122 -23.92 48.18 13.39
C SER A 122 -24.08 48.54 14.87
N ASP A 123 -25.34 48.51 15.32
CA ASP A 123 -25.66 48.83 16.70
C ASP A 123 -25.17 47.74 17.65
N GLU A 124 -25.43 46.48 17.31
CA GLU A 124 -25.05 45.37 18.18
C GLU A 124 -23.54 45.20 18.23
N GLN A 125 -22.87 45.42 17.09
CA GLN A 125 -21.42 45.25 17.06
C GLN A 125 -20.72 46.30 17.90
N LEU A 126 -21.25 47.52 17.93
CA LEU A 126 -20.63 48.59 18.71
C LEU A 126 -20.71 48.33 20.21
N LYS A 127 -21.61 47.45 20.66
CA LYS A 127 -21.64 47.07 22.06
C LYS A 127 -20.39 46.28 22.44
N SER A 128 -19.81 45.56 21.49
CA SER A 128 -18.47 45.01 21.66
C SER A 128 -17.43 46.05 21.25
N GLY A 129 -16.25 45.97 21.84
CA GLY A 129 -15.22 46.96 21.61
C GLY A 129 -14.60 46.93 20.23
N THR A 130 -15.42 46.72 19.20
CA THR A 130 -14.94 46.68 17.83
C THR A 130 -16.00 47.25 16.89
N ALA A 131 -15.53 47.89 15.83
CA ALA A 131 -16.39 48.47 14.80
C ALA A 131 -15.90 48.02 13.44
N SER A 132 -16.84 47.62 12.57
CA SER A 132 -16.51 47.13 11.24
C SER A 132 -17.37 47.85 10.22
N VAL A 133 -16.71 48.62 9.34
CA VAL A 133 -17.37 49.30 8.23
C VAL A 133 -16.99 48.57 6.94
N VAL A 134 -18.00 48.19 6.17
CA VAL A 134 -17.82 47.36 4.99
C VAL A 134 -18.11 48.18 3.73
N CYS A 135 -17.28 48.01 2.71
CA CYS A 135 -17.46 48.64 1.42
C CYS A 135 -17.58 47.53 0.37
N LEU A 136 -18.67 47.54 -0.38
CA LEU A 136 -18.98 46.47 -1.32
C LEU A 136 -18.73 46.94 -2.75
N LEU A 137 -18.07 46.09 -3.53
CA LEU A 137 -17.89 46.27 -4.97
C LEU A 137 -18.54 45.09 -5.65
N ASN A 138 -19.73 45.31 -6.22
CA ASN A 138 -20.58 44.24 -6.71
C ASN A 138 -20.55 44.15 -8.22
N ASN A 139 -20.27 42.96 -8.73
CA ASN A 139 -20.35 42.64 -10.15
C ASN A 139 -19.45 43.53 -11.01
N PHE A 140 -18.23 43.07 -11.28
CA PHE A 140 -17.27 43.86 -12.04
C PHE A 140 -16.30 42.92 -12.74
N TYR A 141 -15.47 43.51 -13.62
CA TYR A 141 -14.44 42.80 -14.37
C TYR A 141 -13.52 43.84 -15.01
N PRO A 142 -12.20 43.65 -14.95
CA PRO A 142 -11.45 42.50 -14.40
C PRO A 142 -11.39 42.47 -12.88
N ARG A 143 -10.71 41.44 -12.34
CA ARG A 143 -10.63 41.26 -10.89
C ARG A 143 -9.83 42.35 -10.20
N GLU A 144 -8.92 43.01 -10.93
CA GLU A 144 -8.07 44.04 -10.32
C GLU A 144 -8.90 45.27 -9.97
N ALA A 145 -8.83 45.69 -8.71
CA ALA A 145 -9.53 46.88 -8.25
C ALA A 145 -8.85 47.36 -6.97
N LYS A 146 -8.74 48.69 -6.85
CA LYS A 146 -8.04 49.32 -5.73
C LYS A 146 -9.04 49.98 -4.79
N VAL A 147 -8.96 49.64 -3.51
CA VAL A 147 -9.85 50.16 -2.48
C VAL A 147 -9.03 50.98 -1.51
N GLN A 148 -9.46 52.22 -1.25
CA GLN A 148 -8.75 53.15 -0.39
C GLN A 148 -9.71 53.66 0.68
N TRP A 149 -9.27 53.57 1.94
CA TRP A 149 -10.07 54.01 3.08
C TRP A 149 -9.59 55.37 3.58
N LYS A 150 -10.52 56.31 3.71
CA LYS A 150 -10.21 57.64 4.22
C LYS A 150 -11.11 57.96 5.40
N VAL A 151 -10.54 58.62 6.41
CA VAL A 151 -11.28 59.14 7.55
C VAL A 151 -10.88 60.59 7.73
N ASP A 152 -11.81 61.51 7.47
CA ASP A 152 -11.54 62.95 7.48
C ASP A 152 -10.35 63.29 6.59
N ASN A 153 -10.43 62.82 5.35
CA ASN A 153 -9.43 62.99 4.29
C ASN A 153 -8.09 62.34 4.62
N ALA A 154 -8.03 61.47 5.62
CA ALA A 154 -6.80 60.79 6.01
C ALA A 154 -6.86 59.34 5.56
N LEU A 155 -5.92 58.95 4.71
CA LEU A 155 -5.91 57.59 4.16
C LEU A 155 -5.51 56.58 5.23
N GLN A 156 -6.11 55.40 5.16
CA GLN A 156 -5.84 54.32 6.11
C GLN A 156 -4.98 53.24 5.46
N SER A 157 -4.21 52.55 6.28
CA SER A 157 -3.32 51.50 5.80
C SER A 157 -3.16 50.44 6.89
N GLY A 158 -3.15 49.17 6.47
CA GLY A 158 -2.92 48.05 7.36
C GLY A 158 -4.09 47.67 8.24
N ASN A 159 -5.16 48.45 8.27
CA ASN A 159 -6.31 48.18 9.12
C ASN A 159 -7.52 47.67 8.35
N SER A 160 -7.33 47.26 7.09
CA SER A 160 -8.41 46.77 6.25
C SER A 160 -8.06 45.42 5.66
N GLN A 161 -9.10 44.63 5.38
CA GLN A 161 -8.94 43.30 4.79
C GLN A 161 -9.95 43.15 3.66
N GLU A 162 -9.51 42.58 2.54
CA GLU A 162 -10.36 42.40 1.37
C GLU A 162 -10.67 40.93 1.15
N SER A 163 -11.78 40.69 0.46
CA SER A 163 -12.21 39.34 0.10
C SER A 163 -12.85 39.39 -1.27
N VAL A 164 -12.45 38.47 -2.15
CA VAL A 164 -12.90 38.46 -3.53
C VAL A 164 -13.64 37.15 -3.78
N THR A 165 -14.75 37.24 -4.52
CA THR A 165 -15.52 36.06 -4.88
C THR A 165 -14.94 35.39 -6.11
N GLU A 166 -15.34 34.13 -6.31
CA GLU A 166 -15.03 33.43 -7.54
C GLU A 166 -15.76 34.07 -8.71
N GLN A 167 -15.34 33.72 -9.92
CA GLN A 167 -16.01 34.24 -11.11
C GLN A 167 -17.41 33.66 -11.19
N ASP A 168 -18.41 34.55 -11.29
CA ASP A 168 -19.80 34.11 -11.30
C ASP A 168 -20.06 33.21 -12.50
N SER A 169 -20.93 32.20 -12.29
CA SER A 169 -21.17 31.20 -13.31
C SER A 169 -22.09 31.70 -14.43
N LYS A 170 -22.92 32.70 -14.17
CA LYS A 170 -23.86 33.22 -15.17
C LYS A 170 -23.32 34.43 -15.91
N ASP A 171 -22.84 35.45 -15.19
CA ASP A 171 -22.40 36.69 -15.81
C ASP A 171 -20.90 36.94 -15.66
N SER A 172 -20.13 35.96 -15.19
CA SER A 172 -18.67 36.04 -15.10
C SER A 172 -18.19 37.28 -14.34
N THR A 173 -18.98 37.75 -13.38
CA THR A 173 -18.64 38.92 -12.59
C THR A 173 -18.00 38.50 -11.26
N TYR A 174 -17.24 39.44 -10.69
CA TYR A 174 -16.64 39.26 -9.37
C TYR A 174 -17.29 40.21 -8.37
N SER A 175 -17.16 39.88 -7.10
CA SER A 175 -17.63 40.73 -6.02
C SER A 175 -16.53 40.84 -4.97
N LEU A 176 -16.41 42.02 -4.37
CA LEU A 176 -15.32 42.31 -3.45
C LEU A 176 -15.87 42.99 -2.20
N SER A 177 -15.33 42.62 -1.04
CA SER A 177 -15.69 43.23 0.23
C SER A 177 -14.41 43.60 0.97
N SER A 178 -14.34 44.84 1.43
CA SER A 178 -13.20 45.33 2.19
C SER A 178 -13.69 45.75 3.57
N THR A 179 -13.08 45.19 4.62
CA THR A 179 -13.51 45.39 5.99
C THR A 179 -12.46 46.19 6.75
N LEU A 180 -12.77 47.45 7.04
CA LEU A 180 -11.93 48.29 7.89
C LEU A 180 -12.32 48.05 9.35
N THR A 181 -11.31 47.74 10.17
CA THR A 181 -11.53 47.39 11.57
C THR A 181 -10.83 48.42 12.46
N LEU A 182 -11.61 49.08 13.32
CA LEU A 182 -11.08 50.05 14.26
C LEU A 182 -11.83 49.91 15.58
N SER A 183 -11.21 50.42 16.65
CA SER A 183 -11.82 50.36 17.97
C SER A 183 -13.04 51.27 18.04
N LYS A 184 -13.93 50.97 18.99
CA LYS A 184 -15.16 51.73 19.13
C LYS A 184 -14.88 53.19 19.43
N ALA A 185 -13.96 53.46 20.36
CA ALA A 185 -13.59 54.84 20.67
C ALA A 185 -12.98 55.54 19.47
N ASP A 186 -12.33 54.79 18.58
CA ASP A 186 -11.74 55.39 17.38
C ASP A 186 -12.80 55.72 16.34
N TYR A 187 -13.88 54.93 16.28
CA TYR A 187 -14.94 55.19 15.30
C TYR A 187 -15.70 56.47 15.59
N GLU A 188 -15.72 56.92 16.85
CA GLU A 188 -16.39 58.16 17.21
C GLU A 188 -15.43 59.34 17.30
N LYS A 189 -14.14 59.12 17.13
CA LYS A 189 -13.17 60.20 17.04
C LYS A 189 -13.17 60.86 15.67
N HIS A 190 -13.97 60.36 14.73
CA HIS A 190 -14.06 60.93 13.39
C HIS A 190 -15.52 60.95 12.96
N LYS A 191 -15.81 61.80 11.97
CA LYS A 191 -17.18 62.01 11.49
C LYS A 191 -17.45 61.29 10.18
N VAL A 192 -16.66 61.58 9.15
CA VAL A 192 -16.92 61.12 7.79
C VAL A 192 -16.12 59.85 7.51
N TYR A 193 -16.77 58.90 6.84
CA TYR A 193 -16.13 57.65 6.44
C TYR A 193 -16.49 57.38 4.98
N ALA A 194 -15.49 57.36 4.12
CA ALA A 194 -15.71 57.24 2.68
C ALA A 194 -14.94 56.04 2.13
N CYS A 195 -15.32 55.62 0.93
CA CYS A 195 -14.71 54.49 0.25
C CYS A 195 -14.50 54.88 -1.22
N GLU A 196 -13.25 55.07 -1.62
CA GLU A 196 -12.93 55.47 -2.99
C GLU A 196 -12.50 54.25 -3.78
N VAL A 197 -13.15 54.03 -4.92
CA VAL A 197 -12.91 52.87 -5.77
C VAL A 197 -12.40 53.35 -7.13
N THR A 198 -11.36 52.69 -7.63
CA THR A 198 -10.83 52.93 -8.96
C THR A 198 -10.78 51.61 -9.71
N HIS A 199 -11.18 51.63 -10.98
CA HIS A 199 -11.30 50.41 -11.76
C HIS A 199 -11.20 50.75 -13.24
N GLN A 200 -10.92 49.72 -14.05
CA GLN A 200 -10.82 49.90 -15.49
C GLN A 200 -12.16 50.35 -16.09
N GLY A 201 -13.27 49.85 -15.56
CA GLY A 201 -14.57 50.24 -16.04
C GLY A 201 -15.00 51.64 -15.65
N LEU A 202 -14.27 52.28 -14.75
CA LEU A 202 -14.58 53.63 -14.28
C LEU A 202 -13.70 54.65 -15.00
N SER A 203 -14.32 55.74 -15.46
CA SER A 203 -13.56 56.82 -16.07
C SER A 203 -12.97 57.76 -15.03
N SER A 204 -13.48 57.74 -13.81
CA SER A 204 -12.99 58.59 -12.73
C SER A 204 -13.21 57.85 -11.42
N PRO A 205 -12.42 58.17 -10.39
CA PRO A 205 -12.60 57.49 -9.10
C PRO A 205 -13.98 57.74 -8.51
N VAL A 206 -14.62 56.66 -8.06
CA VAL A 206 -15.95 56.71 -7.46
C VAL A 206 -15.80 56.60 -5.95
N THR A 207 -16.57 57.42 -5.22
CA THR A 207 -16.49 57.46 -3.76
C THR A 207 -17.89 57.48 -3.18
N LYS A 208 -18.18 56.51 -2.32
CA LYS A 208 -19.40 56.46 -1.52
C LYS A 208 -19.05 56.72 -0.06
N SER A 209 -19.83 57.57 0.60
CA SER A 209 -19.47 58.04 1.94
C SER A 209 -20.70 58.13 2.83
N PHE A 210 -20.44 58.42 4.10
CA PHE A 210 -21.47 58.68 5.09
C PHE A 210 -20.82 59.42 6.26
N ASN A 211 -21.62 60.18 6.98
CA ASN A 211 -21.16 60.85 8.18
C ASN A 211 -21.61 60.09 9.42
N ARG A 212 -20.91 60.33 10.53
CA ARG A 212 -21.20 59.63 11.77
C ARG A 212 -22.63 59.89 12.24
N GLY A 213 -23.16 61.08 11.96
CA GLY A 213 -24.55 61.36 12.26
C GLY A 213 -25.49 60.76 11.23
N GLU A 214 -26.19 61.61 10.49
CA GLU A 214 -27.08 61.19 9.41
C GLU A 214 -28.10 60.17 9.88
N CYS A 215 -27.88 58.90 9.52
CA CYS A 215 -28.82 57.80 9.72
C CYS A 215 -30.28 58.21 9.55
N VAL B 2 -13.85 2.25 -8.61
CA VAL B 2 -12.74 3.07 -8.16
C VAL B 2 -13.24 4.16 -7.22
N GLN B 3 -12.73 4.17 -5.99
CA GLN B 3 -13.18 5.13 -4.99
C GLN B 3 -12.07 5.38 -3.98
N LEU B 4 -11.86 6.66 -3.66
CA LEU B 4 -10.92 7.08 -2.62
C LEU B 4 -11.68 7.83 -1.54
N VAL B 5 -11.70 7.27 -0.34
CA VAL B 5 -12.41 7.85 0.80
C VAL B 5 -11.38 8.30 1.84
N GLN B 6 -11.46 9.56 2.24
CA GLN B 6 -10.55 10.13 3.23
C GLN B 6 -11.25 10.29 4.58
N SER B 7 -10.44 10.50 5.61
CA SER B 7 -10.99 10.73 6.95
C SER B 7 -11.67 12.09 7.02
N GLY B 8 -12.46 12.28 8.08
CA GLY B 8 -13.11 13.55 8.32
C GLY B 8 -12.12 14.66 8.58
N PRO B 9 -12.58 15.90 8.59
CA PRO B 9 -11.68 17.02 8.85
C PRO B 9 -11.26 17.05 10.32
N GLU B 10 -10.10 17.64 10.56
CA GLU B 10 -9.51 17.67 11.89
C GLU B 10 -8.93 19.05 12.16
N VAL B 11 -8.96 19.43 13.43
CA VAL B 11 -8.36 20.69 13.90
C VAL B 11 -7.32 20.33 14.95
N LYS B 12 -6.12 20.92 14.83
CA LYS B 12 -5.01 20.58 15.69
C LYS B 12 -4.36 21.85 16.23
N LYS B 13 -3.75 21.72 17.41
CA LYS B 13 -3.00 22.81 18.00
C LYS B 13 -1.62 22.91 17.35
N PRO B 14 -0.97 24.07 17.45
CA PRO B 14 0.39 24.19 16.91
C PRO B 14 1.36 23.25 17.62
N GLY B 15 2.14 22.53 16.82
CA GLY B 15 3.10 21.57 17.33
C GLY B 15 2.60 20.14 17.35
N ALA B 16 1.29 19.93 17.28
CA ALA B 16 0.72 18.59 17.34
C ALA B 16 0.92 17.87 16.01
N SER B 17 0.38 16.66 15.91
CA SER B 17 0.46 15.85 14.70
C SER B 17 -0.94 15.43 14.27
N VAL B 18 -1.09 15.19 12.98
CA VAL B 18 -2.36 14.77 12.40
C VAL B 18 -2.10 13.59 11.46
N LYS B 19 -3.00 12.61 11.47
CA LYS B 19 -2.91 11.44 10.60
C LYS B 19 -4.18 11.36 9.77
N VAL B 20 -4.04 11.56 8.46
CA VAL B 20 -5.16 11.51 7.53
C VAL B 20 -5.19 10.16 6.84
N SER B 21 -6.35 9.52 6.83
CA SER B 21 -6.51 8.21 6.21
C SER B 21 -7.07 8.37 4.80
N CYS B 22 -6.88 7.33 3.99
CA CYS B 22 -7.36 7.32 2.60
C CYS B 22 -7.78 5.88 2.27
N LYS B 23 -9.05 5.57 2.52
CA LYS B 23 -9.59 4.25 2.23
C LYS B 23 -9.93 4.13 0.75
N ALA B 24 -9.42 3.09 0.11
CA ALA B 24 -9.56 2.90 -1.32
C ALA B 24 -10.18 1.55 -1.62
N SER B 25 -10.99 1.50 -2.67
CA SER B 25 -11.67 0.27 -3.08
C SER B 25 -11.82 0.26 -4.59
N GLY B 26 -12.25 -0.90 -5.11
CA GLY B 26 -12.59 -1.03 -6.52
C GLY B 26 -11.51 -1.66 -7.37
N ASP B 27 -10.46 -0.91 -7.67
CA ASP B 27 -9.40 -1.35 -8.56
C ASP B 27 -8.24 -1.93 -7.76
N THR B 28 -7.54 -2.89 -8.38
CA THR B 28 -6.34 -3.44 -7.76
C THR B 28 -5.31 -2.34 -7.55
N PHE B 29 -4.90 -2.15 -6.30
CA PHE B 29 -3.93 -1.12 -5.98
C PHE B 29 -2.50 -1.59 -6.20
N ILE B 30 -2.29 -2.89 -6.47
CA ILE B 30 -1.08 -3.33 -7.13
C ILE B 30 -0.89 -2.53 -8.40
N ASN B 31 0.36 -2.18 -8.70
CA ASN B 31 0.72 -1.40 -9.88
C ASN B 31 0.11 0.00 -9.86
N SER B 32 -0.22 0.51 -8.68
CA SER B 32 -0.79 1.85 -8.55
C SER B 32 -0.21 2.52 -7.32
N PHE B 33 0.68 3.48 -7.54
CA PHE B 33 1.25 4.25 -6.45
C PHE B 33 0.23 5.25 -5.92
N PHE B 34 0.50 5.80 -4.75
CA PHE B 34 -0.38 6.76 -4.10
C PHE B 34 0.43 7.95 -3.60
N HIS B 35 -0.08 9.15 -3.88
CA HIS B 35 0.58 10.39 -3.52
C HIS B 35 -0.24 11.15 -2.48
N TRP B 36 0.37 12.19 -1.93
CA TRP B 36 -0.32 13.14 -1.06
C TRP B 36 0.01 14.55 -1.53
N VAL B 37 -1.02 15.35 -1.81
CA VAL B 37 -0.87 16.72 -2.28
C VAL B 37 -1.81 17.61 -1.47
N ARG B 38 -1.28 18.70 -0.94
CA ARG B 38 -2.08 19.66 -0.19
C ARG B 38 -2.25 20.94 -0.98
N GLN B 39 -3.35 21.65 -0.70
CA GLN B 39 -3.64 22.94 -1.30
C GLN B 39 -3.97 23.92 -0.17
N ALA B 40 -3.03 24.81 0.13
CA ALA B 40 -3.30 25.86 1.09
C ALA B 40 -4.41 26.76 0.54
N PRO B 41 -5.26 27.32 1.43
CA PRO B 41 -6.39 28.13 0.94
C PRO B 41 -6.00 29.22 -0.04
N GLY B 42 -4.95 29.98 0.26
CA GLY B 42 -4.47 31.00 -0.65
C GLY B 42 -3.23 30.56 -1.41
N GLN B 43 -3.29 29.35 -1.98
CA GLN B 43 -2.14 28.79 -2.70
C GLN B 43 -2.65 27.74 -3.67
N GLY B 44 -1.73 27.21 -4.46
CA GLY B 44 -2.00 26.15 -5.40
C GLY B 44 -1.67 24.78 -4.85
N LEU B 45 -1.55 23.82 -5.76
CA LEU B 45 -1.22 22.45 -5.37
C LEU B 45 0.23 22.34 -4.94
N GLU B 46 0.47 21.57 -3.89
CA GLU B 46 1.81 21.34 -3.35
C GLU B 46 2.00 19.85 -3.12
N TRP B 47 2.94 19.25 -3.84
CA TRP B 47 3.19 17.82 -3.73
C TRP B 47 3.96 17.53 -2.45
N MET B 48 3.52 16.52 -1.71
CA MET B 48 4.11 16.15 -0.43
C MET B 48 4.97 14.90 -0.47
N GLY B 49 4.51 13.84 -1.13
CA GLY B 49 5.26 12.60 -1.15
C GLY B 49 4.48 11.49 -1.80
N ILE B 50 5.14 10.33 -1.89
CA ILE B 50 4.58 9.15 -2.55
C ILE B 50 4.92 7.92 -1.72
N ILE B 51 4.02 6.94 -1.74
CA ILE B 51 4.23 5.64 -1.12
C ILE B 51 3.80 4.57 -2.11
N ASN B 52 4.60 3.51 -2.23
CA ASN B 52 4.31 2.46 -3.19
C ASN B 52 3.21 1.53 -2.67
N PRO B 53 2.57 0.76 -3.56
CA PRO B 53 1.59 -0.24 -3.08
C PRO B 53 2.13 -1.16 -2.01
N SER B 54 3.36 -1.64 -2.15
CA SER B 54 3.92 -2.61 -1.23
C SER B 54 4.58 -1.97 -0.02
N GLY B 55 5.71 -2.54 0.41
CA GLY B 55 6.38 -2.12 1.63
C GLY B 55 7.07 -0.76 1.58
N VAL B 56 6.35 0.28 2.03
CA VAL B 56 6.89 1.61 2.25
C VAL B 56 7.64 2.11 1.02
N SER B 57 8.97 2.07 1.06
CA SER B 57 9.83 2.64 0.02
C SER B 57 9.33 4.02 -0.40
N THR B 58 9.13 4.87 0.60
CA THR B 58 8.51 6.16 0.41
C THR B 58 9.52 7.19 -0.08
N THR B 59 8.99 8.30 -0.58
CA THR B 59 9.77 9.48 -0.93
C THR B 59 9.00 10.71 -0.51
N TYR B 60 9.62 11.56 0.30
CA TYR B 60 8.99 12.78 0.78
C TYR B 60 9.64 13.99 0.14
N ALA B 61 8.85 15.05 -0.02
CA ALA B 61 9.37 16.30 -0.59
C ALA B 61 10.41 16.90 0.34
N GLN B 62 11.23 17.79 -0.23
CA GLN B 62 12.31 18.40 0.53
C GLN B 62 11.78 19.20 1.72
N LYS B 63 10.70 19.95 1.52
CA LYS B 63 10.16 20.79 2.58
C LYS B 63 9.52 19.98 3.70
N PHE B 64 9.19 18.71 3.46
CA PHE B 64 8.58 17.86 4.47
C PHE B 64 9.52 16.77 4.97
N GLN B 65 10.79 16.79 4.57
CA GLN B 65 11.74 15.78 5.00
C GLN B 65 11.91 15.85 6.51
N GLY B 66 11.54 14.76 7.20
CA GLY B 66 11.61 14.70 8.65
C GLY B 66 10.35 15.10 9.38
N ARG B 67 9.28 15.42 8.65
CA ARG B 67 8.02 15.83 9.26
C ARG B 67 6.85 14.92 8.92
N VAL B 68 6.86 14.28 7.76
CA VAL B 68 5.75 13.47 7.28
C VAL B 68 6.14 12.00 7.32
N THR B 69 5.19 11.14 7.67
CA THR B 69 5.37 9.69 7.67
C THR B 69 4.18 9.06 6.99
N MET B 70 4.42 8.38 5.87
CA MET B 70 3.38 7.76 5.06
C MET B 70 3.44 6.24 5.22
N THR B 71 2.33 5.66 5.66
CA THR B 71 2.22 4.22 5.91
C THR B 71 0.98 3.68 5.22
N ARG B 72 0.79 2.37 5.35
CA ARG B 72 -0.37 1.66 4.82
C ARG B 72 -0.98 0.83 5.94
N ASP B 73 -2.20 0.34 5.73
CA ASP B 73 -2.93 -0.44 6.73
C ASP B 73 -2.86 -1.95 6.50
N THR B 74 -1.89 -2.42 5.70
CA THR B 74 -1.66 -3.82 5.36
C THR B 74 -2.90 -4.72 5.35
N SER B 75 -4.04 -4.17 4.94
CA SER B 75 -5.30 -4.89 4.89
C SER B 75 -6.36 -4.07 4.14
N THR B 76 -6.81 -2.98 4.76
CA THR B 76 -7.90 -2.16 4.22
C THR B 76 -7.46 -1.27 3.07
N THR B 77 -6.25 -1.48 2.56
CA THR B 77 -5.65 -0.66 1.51
C THR B 77 -5.79 0.83 1.82
N THR B 78 -5.66 1.16 3.11
CA THR B 78 -5.77 2.53 3.59
C THR B 78 -4.38 3.13 3.69
N PHE B 79 -4.19 4.27 3.03
CA PHE B 79 -2.90 4.95 3.00
C PHE B 79 -2.95 6.14 3.94
N TYR B 80 -1.94 6.25 4.79
CA TYR B 80 -1.93 7.25 5.85
C TYR B 80 -0.87 8.30 5.57
N MET B 81 -1.18 9.53 5.99
CA MET B 81 -0.24 10.65 5.93
C MET B 81 -0.22 11.28 7.32
N GLU B 82 0.90 11.14 8.02
CA GLU B 82 1.07 11.69 9.36
C GLU B 82 2.06 12.85 9.27
N LEU B 83 1.59 14.04 9.66
CA LEU B 83 2.39 15.26 9.59
C LEU B 83 2.62 15.77 11.01
N SER B 84 3.88 15.84 11.42
CA SER B 84 4.25 16.22 12.77
C SER B 84 4.73 17.67 12.82
N SER B 85 4.76 18.22 14.03
CA SER B 85 5.14 19.60 14.29
C SER B 85 4.36 20.57 13.40
N LEU B 86 3.03 20.51 13.53
CA LEU B 86 2.15 21.32 12.73
C LEU B 86 2.26 22.79 13.10
N ARG B 87 2.26 23.65 12.08
CA ARG B 87 2.26 25.10 12.24
C ARG B 87 1.08 25.66 11.48
N SER B 88 0.83 26.97 11.65
CA SER B 88 -0.31 27.62 11.02
C SER B 88 -0.29 27.46 9.51
N ALA B 89 0.89 27.42 8.90
CA ALA B 89 0.99 27.27 7.45
C ALA B 89 0.59 25.87 6.98
N ASP B 90 0.51 24.89 7.87
CA ASP B 90 0.10 23.55 7.48
C ASP B 90 -1.40 23.44 7.31
N THR B 91 -2.16 24.48 7.63
CA THR B 91 -3.60 24.48 7.42
C THR B 91 -3.89 24.41 5.91
N ALA B 92 -4.42 23.28 5.46
CA ALA B 92 -4.67 23.08 4.04
C ALA B 92 -5.58 21.86 3.87
N VAL B 93 -6.08 21.70 2.66
CA VAL B 93 -6.83 20.51 2.27
C VAL B 93 -5.85 19.50 1.70
N TYR B 94 -5.86 18.29 2.26
CA TYR B 94 -4.88 17.26 1.93
C TYR B 94 -5.57 16.17 1.11
N TYR B 95 -5.10 15.98 -0.12
CA TYR B 95 -5.68 15.00 -1.03
C TYR B 95 -4.76 13.79 -1.16
N CYS B 96 -5.37 12.62 -1.34
CA CYS B 96 -4.65 11.42 -1.76
C CYS B 96 -5.04 11.09 -3.19
N ALA B 97 -4.07 10.61 -3.97
CA ALA B 97 -4.27 10.38 -5.40
C ALA B 97 -3.50 9.15 -5.85
N ARG B 98 -4.12 8.36 -6.72
CA ARG B 98 -3.51 7.16 -7.27
C ARG B 98 -2.67 7.50 -8.50
N GLU B 99 -1.60 6.74 -8.70
CA GLU B 99 -0.73 6.87 -9.87
C GLU B 99 -0.45 5.47 -10.43
N ASN B 100 -0.98 5.19 -11.62
CA ASN B 100 -0.67 3.93 -12.27
C ASN B 100 0.76 3.93 -12.79
N GLY B 101 1.37 2.75 -12.82
CA GLY B 101 2.66 2.62 -13.46
C GLY B 101 3.80 3.29 -12.73
N GLY B 102 3.77 4.62 -12.72
CA GLY B 102 4.79 5.45 -12.12
C GLY B 102 5.32 6.45 -13.14
N ASN B 103 6.39 7.15 -12.74
CA ASN B 103 7.00 8.19 -13.57
C ASN B 103 5.94 9.15 -14.09
N SER B 104 5.59 9.02 -15.37
CA SER B 104 4.41 9.64 -15.92
C SER B 104 3.18 9.25 -15.12
N GLY B 105 2.65 8.06 -15.39
CA GLY B 105 1.42 7.63 -14.78
C GLY B 105 0.33 8.66 -14.93
N ASP B 106 -0.63 8.64 -13.99
CA ASP B 106 -1.68 9.63 -13.99
C ASP B 106 -2.15 9.88 -12.57
N PHE B 107 -2.58 11.09 -12.30
CA PHE B 107 -3.41 11.34 -11.12
C PHE B 107 -4.88 11.06 -11.39
N ASP B 108 -5.13 9.95 -12.12
CA ASP B 108 -6.45 9.50 -12.56
C ASP B 108 -7.60 9.80 -11.60
N TYR B 109 -7.48 9.36 -10.35
CA TYR B 109 -8.57 9.50 -9.39
C TYR B 109 -8.04 10.11 -8.11
N TRP B 110 -8.84 11.00 -7.52
CA TRP B 110 -8.48 11.73 -6.32
C TRP B 110 -9.51 11.46 -5.23
N GLY B 111 -9.13 11.76 -3.99
CA GLY B 111 -10.05 11.78 -2.88
C GLY B 111 -10.80 13.09 -2.80
N GLN B 112 -11.72 13.15 -1.84
CA GLN B 112 -12.53 14.35 -1.65
C GLN B 112 -11.76 15.47 -0.96
N GLY B 113 -10.64 15.15 -0.32
CA GLY B 113 -9.88 16.15 0.42
C GLY B 113 -10.28 16.22 1.87
N ALA B 114 -9.29 16.36 2.75
CA ALA B 114 -9.52 16.46 4.19
C ALA B 114 -8.91 17.76 4.69
N LEU B 115 -9.75 18.63 5.26
CA LEU B 115 -9.30 19.92 5.74
C LEU B 115 -8.67 19.77 7.12
N VAL B 116 -7.42 20.19 7.24
CA VAL B 116 -6.73 20.23 8.53
C VAL B 116 -6.52 21.69 8.88
N THR B 117 -7.03 22.09 10.04
CA THR B 117 -6.96 23.46 10.51
C THR B 117 -6.05 23.51 11.74
N VAL B 118 -4.95 24.24 11.63
CA VAL B 118 -3.96 24.35 12.69
C VAL B 118 -4.00 25.77 13.24
N SER B 119 -4.30 25.91 14.53
CA SER B 119 -4.31 27.21 15.20
C SER B 119 -4.41 26.98 16.70
N SER B 120 -4.04 28.02 17.46
CA SER B 120 -4.13 27.96 18.91
C SER B 120 -5.57 28.03 19.41
N ALA B 121 -6.47 28.62 18.62
CA ALA B 121 -7.83 28.82 19.07
C ALA B 121 -8.61 27.49 19.08
N SER B 122 -9.87 27.57 19.47
CA SER B 122 -10.74 26.40 19.55
C SER B 122 -12.08 26.76 18.92
N THR B 123 -13.04 25.86 19.05
CA THR B 123 -14.36 26.06 18.47
C THR B 123 -15.07 27.24 19.15
N LYS B 124 -15.52 28.20 18.34
CA LYS B 124 -16.19 29.38 18.85
C LYS B 124 -17.34 29.76 17.92
N GLY B 125 -18.48 30.10 18.51
CA GLY B 125 -19.64 30.49 17.77
C GLY B 125 -19.48 31.88 17.15
N PRO B 126 -20.07 32.08 15.98
CA PRO B 126 -19.93 33.37 15.30
C PRO B 126 -20.91 34.40 15.82
N SER B 127 -20.49 35.66 15.73
CA SER B 127 -21.36 36.81 15.96
C SER B 127 -21.78 37.39 14.62
N VAL B 128 -23.07 37.70 14.48
CA VAL B 128 -23.63 38.16 13.22
C VAL B 128 -24.20 39.56 13.41
N PHE B 129 -23.79 40.49 12.54
CA PHE B 129 -24.25 41.87 12.58
C PHE B 129 -24.83 42.26 11.23
N PRO B 130 -25.96 42.95 11.21
CA PRO B 130 -26.58 43.32 9.93
C PRO B 130 -25.85 44.45 9.23
N LEU B 131 -26.05 44.53 7.91
CA LEU B 131 -25.45 45.56 7.07
C LEU B 131 -26.52 46.09 6.14
N ALA B 132 -26.84 47.37 6.28
CA ALA B 132 -27.95 48.00 5.57
C ALA B 132 -27.55 49.42 5.21
N PRO B 133 -28.22 50.02 4.20
CA PRO B 133 -27.89 51.40 3.83
C PRO B 133 -28.23 52.41 4.93
N SER B 137 -33.27 55.17 2.63
CA SER B 137 -33.25 55.92 1.38
C SER B 137 -31.88 55.85 0.72
N THR B 138 -31.71 54.89 -0.19
CA THR B 138 -30.47 54.74 -0.94
C THR B 138 -30.35 55.83 -2.01
N SER B 139 -29.22 55.83 -2.70
CA SER B 139 -28.96 56.83 -3.73
C SER B 139 -29.38 56.38 -5.13
N GLY B 140 -29.70 55.10 -5.33
CA GLY B 140 -30.09 54.60 -6.63
C GLY B 140 -31.26 53.66 -6.53
N GLY B 141 -31.67 53.15 -7.70
CA GLY B 141 -32.75 52.19 -7.80
C GLY B 141 -32.44 50.81 -7.28
N THR B 142 -31.20 50.55 -6.85
CA THR B 142 -30.80 49.26 -6.31
C THR B 142 -30.19 49.47 -4.93
N ALA B 143 -30.62 48.66 -3.97
CA ALA B 143 -30.13 48.73 -2.60
C ALA B 143 -29.39 47.44 -2.25
N ALA B 144 -28.47 47.55 -1.30
CA ALA B 144 -27.64 46.42 -0.88
C ALA B 144 -27.89 46.11 0.59
N LEU B 145 -27.94 44.82 0.90
CA LEU B 145 -28.16 44.34 2.26
C LEU B 145 -27.23 43.17 2.53
N GLY B 146 -26.79 43.05 3.78
CA GLY B 146 -25.83 41.99 4.08
C GLY B 146 -25.75 41.65 5.55
N CYS B 147 -25.10 40.52 5.82
CA CYS B 147 -24.84 40.05 7.17
C CYS B 147 -23.34 39.89 7.37
N LEU B 148 -22.84 40.37 8.51
CA LEU B 148 -21.42 40.26 8.87
C LEU B 148 -21.27 39.11 9.87
N VAL B 149 -20.66 38.02 9.43
CA VAL B 149 -20.41 36.87 10.29
C VAL B 149 -18.98 36.98 10.78
N LYS B 150 -18.80 37.33 12.05
CA LYS B 150 -17.50 37.69 12.57
C LYS B 150 -17.11 36.80 13.74
N ASP B 151 -15.82 36.45 13.81
CA ASP B 151 -15.24 35.75 14.95
C ASP B 151 -15.84 34.38 15.18
N TYR B 152 -15.46 33.40 14.35
CA TYR B 152 -15.84 32.01 14.55
C TYR B 152 -14.66 31.12 14.19
N PHE B 153 -14.69 29.88 14.69
CA PHE B 153 -13.64 28.91 14.38
C PHE B 153 -14.19 27.52 14.65
N PRO B 154 -13.91 26.54 13.79
CA PRO B 154 -13.22 26.65 12.50
C PRO B 154 -14.19 26.82 11.34
N GLU B 155 -13.67 26.95 10.13
CA GLU B 155 -14.51 27.00 8.95
C GLU B 155 -15.21 25.65 8.73
N PRO B 156 -16.30 25.63 7.96
CA PRO B 156 -16.97 26.75 7.29
C PRO B 156 -18.21 27.24 8.00
N VAL B 157 -18.77 28.34 7.51
CA VAL B 157 -20.09 28.81 7.89
C VAL B 157 -20.92 28.92 6.62
N THR B 158 -22.20 28.58 6.73
CA THR B 158 -23.11 28.60 5.58
C THR B 158 -24.21 29.62 5.83
N VAL B 159 -24.50 30.44 4.82
CA VAL B 159 -25.46 31.53 4.95
C VAL B 159 -26.50 31.39 3.84
N SER B 160 -27.77 31.45 4.22
CA SER B 160 -28.88 31.51 3.27
C SER B 160 -29.77 32.68 3.63
N TRP B 161 -30.61 33.09 2.68
CA TRP B 161 -31.46 34.26 2.85
C TRP B 161 -32.92 33.85 2.67
N ASN B 162 -33.77 34.31 3.60
CA ASN B 162 -35.20 34.00 3.59
C ASN B 162 -35.43 32.50 3.53
N SER B 163 -34.64 31.74 4.31
CA SER B 163 -34.67 30.28 4.31
C SER B 163 -34.44 29.71 2.92
N GLY B 164 -33.61 30.38 2.12
CA GLY B 164 -33.31 29.93 0.78
C GLY B 164 -34.19 30.51 -0.32
N ALA B 165 -35.20 31.31 0.03
CA ALA B 165 -36.10 31.87 -0.96
C ALA B 165 -35.43 32.94 -1.82
N LEU B 166 -34.31 33.50 -1.36
CA LEU B 166 -33.59 34.54 -2.08
C LEU B 166 -32.23 33.99 -2.51
N THR B 167 -32.05 33.80 -3.81
CA THR B 167 -30.84 33.21 -4.36
C THR B 167 -30.14 34.13 -5.35
N SER B 168 -30.86 34.68 -6.31
CA SER B 168 -30.25 35.55 -7.30
C SER B 168 -29.78 36.85 -6.66
N GLY B 169 -28.56 37.27 -7.00
CA GLY B 169 -28.00 38.48 -6.44
C GLY B 169 -27.30 38.32 -5.12
N VAL B 170 -27.24 37.10 -4.58
CA VAL B 170 -26.61 36.85 -3.29
C VAL B 170 -25.13 36.56 -3.52
N HIS B 171 -24.27 37.25 -2.78
CA HIS B 171 -22.83 37.05 -2.84
C HIS B 171 -22.30 36.86 -1.42
N THR B 172 -21.83 35.66 -1.13
CA THR B 172 -21.23 35.33 0.17
C THR B 172 -19.73 35.21 -0.01
N PHE B 173 -18.99 36.09 0.65
CA PHE B 173 -17.54 36.15 0.48
C PHE B 173 -16.85 35.06 1.29
N PRO B 174 -15.71 34.56 0.81
CA PRO B 174 -14.95 33.58 1.59
C PRO B 174 -14.44 34.19 2.89
N ALA B 175 -14.25 33.33 3.88
CA ALA B 175 -13.83 33.81 5.20
C ALA B 175 -12.40 34.34 5.15
N VAL B 176 -12.12 35.25 6.08
CA VAL B 176 -10.80 35.87 6.21
C VAL B 176 -10.32 35.64 7.64
N LEU B 177 -9.09 35.16 7.78
CA LEU B 177 -8.51 34.90 9.08
C LEU B 177 -8.05 36.20 9.72
N GLN B 178 -8.35 36.37 11.00
CA GLN B 178 -8.06 37.58 11.74
C GLN B 178 -6.77 37.43 12.55
N SER B 179 -6.30 38.56 13.06
CA SER B 179 -5.18 38.55 14.01
C SER B 179 -5.56 37.86 15.32
N SER B 180 -6.85 37.83 15.66
CA SER B 180 -7.29 37.10 16.84
C SER B 180 -7.21 35.59 16.63
N GLY B 181 -7.05 35.14 15.39
CA GLY B 181 -7.03 33.73 15.08
C GLY B 181 -8.34 33.17 14.58
N LEU B 182 -9.38 33.99 14.50
CA LEU B 182 -10.71 33.55 14.09
C LEU B 182 -11.00 34.02 12.66
N TYR B 183 -12.09 33.49 12.11
CA TYR B 183 -12.50 33.80 10.75
C TYR B 183 -13.64 34.79 10.74
N SER B 184 -13.75 35.55 9.65
CA SER B 184 -14.82 36.52 9.49
C SER B 184 -15.11 36.71 8.01
N LEU B 185 -16.39 36.73 7.66
CA LEU B 185 -16.78 36.98 6.28
C LEU B 185 -18.06 37.81 6.28
N SER B 186 -18.57 38.06 5.08
CA SER B 186 -19.81 38.80 4.89
C SER B 186 -20.59 38.19 3.74
N SER B 187 -21.91 38.20 3.87
CA SER B 187 -22.82 37.70 2.84
C SER B 187 -23.80 38.81 2.50
N VAL B 188 -23.82 39.22 1.24
CA VAL B 188 -24.62 40.36 0.79
C VAL B 188 -25.58 39.91 -0.30
N VAL B 189 -26.55 40.77 -0.59
CA VAL B 189 -27.51 40.56 -1.67
C VAL B 189 -28.02 41.93 -2.12
N THR B 190 -28.07 42.13 -3.44
CA THR B 190 -28.58 43.35 -4.03
C THR B 190 -30.05 43.17 -4.38
N VAL B 191 -30.89 44.11 -3.93
CA VAL B 191 -32.33 44.03 -4.14
C VAL B 191 -32.82 45.39 -4.65
N PRO B 192 -33.98 45.43 -5.30
CA PRO B 192 -34.54 46.73 -5.70
C PRO B 192 -34.83 47.58 -4.47
N SER B 193 -34.48 48.87 -4.56
CA SER B 193 -34.60 49.76 -3.42
C SER B 193 -36.04 49.87 -2.95
N SER B 194 -36.99 49.85 -3.89
CA SER B 194 -38.39 49.95 -3.54
C SER B 194 -38.93 48.70 -2.84
N SER B 195 -38.15 47.61 -2.81
CA SER B 195 -38.58 46.40 -2.11
C SER B 195 -38.30 46.48 -0.62
N LEU B 196 -37.38 47.35 -0.20
CA LEU B 196 -37.12 47.56 1.21
C LEU B 196 -38.40 48.03 1.91
N GLY B 197 -38.85 47.27 2.91
CA GLY B 197 -40.07 47.60 3.60
C GLY B 197 -41.25 46.73 3.21
N THR B 198 -41.34 46.39 1.93
CA THR B 198 -42.40 45.51 1.46
C THR B 198 -42.12 44.06 1.85
N GLN B 199 -40.94 43.56 1.52
CA GLN B 199 -40.53 42.19 1.83
C GLN B 199 -39.56 42.18 2.99
N THR B 200 -39.73 41.24 3.90
CA THR B 200 -38.83 41.08 5.03
C THR B 200 -37.62 40.24 4.61
N TYR B 201 -36.43 40.71 4.98
CA TYR B 201 -35.17 40.08 4.58
C TYR B 201 -34.44 39.58 5.82
N ILE B 202 -34.12 38.27 5.82
CA ILE B 202 -33.44 37.61 6.93
C ILE B 202 -32.34 36.75 6.37
N CYS B 203 -31.12 36.88 6.93
CA CYS B 203 -30.03 35.99 6.60
C CYS B 203 -30.00 34.84 7.59
N ASN B 204 -29.64 33.65 7.10
CA ASN B 204 -29.68 32.43 7.90
C ASN B 204 -28.24 31.91 8.03
N VAL B 205 -27.57 32.31 9.09
CA VAL B 205 -26.20 31.88 9.37
C VAL B 205 -26.24 30.55 10.10
N ASN B 206 -25.46 29.58 9.62
CA ASN B 206 -25.39 28.26 10.22
C ASN B 206 -23.94 27.86 10.36
N HIS B 207 -23.49 27.65 11.60
CA HIS B 207 -22.13 27.20 11.89
C HIS B 207 -22.23 25.90 12.68
N LYS B 208 -22.14 24.78 11.96
CA LYS B 208 -22.23 23.47 12.60
C LYS B 208 -21.11 23.17 13.59
N PRO B 209 -19.85 23.55 13.36
CA PRO B 209 -18.80 23.23 14.35
C PRO B 209 -19.10 23.68 15.77
N SER B 210 -19.82 24.79 15.94
CA SER B 210 -20.22 25.27 17.25
C SER B 210 -21.71 25.07 17.52
N ASN B 211 -22.40 24.33 16.65
CA ASN B 211 -23.84 24.08 16.79
C ASN B 211 -24.61 25.39 16.84
N THR B 212 -24.13 26.38 16.08
CA THR B 212 -24.66 27.74 16.11
C THR B 212 -25.46 28.01 14.84
N LYS B 213 -26.68 28.52 15.01
CA LYS B 213 -27.52 28.95 13.89
C LYS B 213 -28.10 30.30 14.24
N VAL B 214 -27.76 31.32 13.46
CA VAL B 214 -28.16 32.69 13.72
C VAL B 214 -28.96 33.20 12.54
N ASP B 215 -30.04 33.94 12.83
CA ASP B 215 -30.92 34.52 11.80
C ASP B 215 -31.16 35.99 12.16
N LYS B 216 -30.21 36.85 11.80
CA LYS B 216 -30.35 38.28 12.06
C LYS B 216 -31.25 38.93 11.03
N ARG B 217 -31.72 40.13 11.36
CA ARG B 217 -32.67 40.89 10.54
C ARG B 217 -31.93 42.00 9.81
N VAL B 218 -31.87 41.91 8.49
CA VAL B 218 -31.16 42.87 7.66
C VAL B 218 -32.22 43.77 7.04
N GLU B 219 -32.47 44.91 7.70
CA GLU B 219 -33.45 45.88 7.22
C GLU B 219 -32.88 47.27 7.51
N PRO B 220 -32.93 48.18 6.54
CA PRO B 220 -32.41 49.53 6.78
C PRO B 220 -33.24 50.27 7.81
N LYS B 221 -32.60 51.19 8.51
CA LYS B 221 -33.23 51.92 9.62
C LYS B 221 -32.81 53.38 9.55
N SER B 222 -33.69 54.23 9.04
CA SER B 222 -33.49 55.66 9.18
C SER B 222 -33.72 56.08 10.63
N CYS B 223 -32.85 56.96 11.13
CA CYS B 223 -32.95 57.39 12.52
C CYS B 223 -33.62 58.75 12.62
N VAL C 2 -6.58 -13.40 16.71
CA VAL C 2 -6.10 -14.32 15.68
C VAL C 2 -7.22 -15.29 15.29
N GLN C 3 -7.56 -15.31 14.00
CA GLN C 3 -8.67 -16.14 13.54
C GLN C 3 -8.44 -16.52 12.08
N LEU C 4 -8.66 -17.80 11.76
CA LEU C 4 -8.60 -18.29 10.39
C LEU C 4 -9.97 -18.88 10.04
N VAL C 5 -10.64 -18.27 9.07
CA VAL C 5 -11.96 -18.70 8.63
C VAL C 5 -11.85 -19.24 7.22
N GLN C 6 -12.34 -20.46 7.02
CA GLN C 6 -12.32 -21.11 5.73
C GLN C 6 -13.71 -21.11 5.11
N SER C 7 -13.76 -21.40 3.82
CA SER C 7 -15.03 -21.47 3.11
C SER C 7 -15.83 -22.69 3.54
N GLY C 8 -17.10 -22.69 3.19
CA GLY C 8 -17.98 -23.81 3.45
C GLY C 8 -17.55 -25.04 2.69
N PRO C 9 -18.14 -26.20 3.04
CA PRO C 9 -17.77 -27.43 2.35
C PRO C 9 -18.32 -27.46 0.93
N GLU C 10 -17.64 -28.24 0.09
CA GLU C 10 -17.98 -28.31 -1.33
C GLU C 10 -17.94 -29.76 -1.79
N VAL C 11 -18.79 -30.07 -2.77
CA VAL C 11 -18.83 -31.37 -3.42
C VAL C 11 -18.61 -31.15 -4.91
N LYS C 12 -17.71 -31.93 -5.51
CA LYS C 12 -17.31 -31.74 -6.88
C LYS C 12 -17.35 -33.07 -7.63
N LYS C 13 -17.57 -32.97 -8.94
CA LYS C 13 -17.50 -34.13 -9.83
C LYS C 13 -16.06 -34.46 -10.15
N PRO C 14 -15.77 -35.69 -10.59
CA PRO C 14 -14.41 -36.04 -10.99
C PRO C 14 -13.97 -35.22 -12.19
N GLY C 15 -12.77 -34.66 -12.10
CA GLY C 15 -12.20 -33.84 -13.14
C GLY C 15 -12.39 -32.34 -12.93
N ALA C 16 -13.34 -31.95 -12.08
CA ALA C 16 -13.61 -30.54 -11.84
C ALA C 16 -12.51 -29.93 -10.95
N SER C 17 -12.69 -28.66 -10.61
CA SER C 17 -11.75 -27.94 -9.76
C SER C 17 -12.50 -27.35 -8.57
N VAL C 18 -11.76 -27.14 -7.48
CA VAL C 18 -12.32 -26.58 -6.25
C VAL C 18 -11.36 -25.49 -5.76
N LYS C 19 -11.93 -24.40 -5.25
CA LYS C 19 -11.17 -23.28 -4.70
C LYS C 19 -11.57 -23.07 -3.25
N VAL C 20 -10.64 -23.35 -2.34
CA VAL C 20 -10.88 -23.21 -0.91
C VAL C 20 -10.28 -21.88 -0.45
N SER C 21 -11.09 -21.09 0.25
CA SER C 21 -10.66 -19.79 0.75
C SER C 21 -10.24 -19.89 2.21
N CYS C 22 -9.46 -18.90 2.65
CA CYS C 22 -8.99 -18.84 4.03
C CYS C 22 -8.93 -17.37 4.43
N LYS C 23 -10.04 -16.86 4.96
CA LYS C 23 -10.10 -15.49 5.41
C LYS C 23 -9.46 -15.36 6.79
N ALA C 24 -8.52 -14.44 6.92
CA ALA C 24 -7.73 -14.31 8.13
C ALA C 24 -7.82 -12.88 8.66
N SER C 25 -7.81 -12.74 9.99
CA SER C 25 -7.89 -11.43 10.63
C SER C 25 -7.08 -11.46 11.92
N GLY C 26 -6.92 -10.28 12.51
CA GLY C 26 -6.30 -10.15 13.81
C GLY C 26 -4.83 -9.75 13.79
N ASP C 27 -3.95 -10.67 13.45
CA ASP C 27 -2.51 -10.45 13.48
C ASP C 27 -2.01 -10.05 12.10
N THR C 28 -0.96 -9.23 12.09
CA THR C 28 -0.32 -8.86 10.83
C THR C 28 0.17 -10.11 10.10
N PHE C 29 -0.32 -10.31 8.88
CA PHE C 29 0.07 -11.47 8.10
C PHE C 29 1.38 -11.24 7.37
N ILE C 30 1.88 -10.00 7.35
CA ILE C 30 3.29 -9.77 7.10
C ILE C 30 4.11 -10.63 8.05
N ASN C 31 5.23 -11.17 7.55
CA ASN C 31 6.12 -12.01 8.33
C ASN C 31 5.44 -13.30 8.78
N SER C 32 4.40 -13.73 8.08
CA SER C 32 3.70 -14.96 8.44
C SER C 32 3.31 -15.69 7.16
N PHE C 33 4.01 -16.78 6.88
CA PHE C 33 3.67 -17.60 5.73
C PHE C 33 2.40 -18.40 6.01
N PHE C 34 1.82 -18.94 4.95
CA PHE C 34 0.58 -19.70 5.04
C PHE C 34 0.70 -20.99 4.23
N HIS C 35 0.29 -22.09 4.84
CA HIS C 35 0.36 -23.40 4.22
C HIS C 35 -1.04 -23.94 3.96
N TRP C 36 -1.09 -25.04 3.21
CA TRP C 36 -2.31 -25.81 3.03
C TRP C 36 -1.99 -27.28 3.27
N VAL C 37 -2.73 -27.91 4.17
CA VAL C 37 -2.52 -29.31 4.52
C VAL C 37 -3.87 -30.00 4.51
N ARG C 38 -3.94 -31.14 3.84
CA ARG C 38 -5.16 -31.93 3.80
C ARG C 38 -4.98 -33.20 4.62
N GLN C 39 -6.10 -33.72 5.12
CA GLN C 39 -6.12 -34.97 5.86
C GLN C 39 -7.20 -35.85 5.24
N ALA C 40 -6.79 -36.85 4.47
CA ALA C 40 -7.74 -37.81 3.95
C ALA C 40 -8.40 -38.56 5.11
N PRO C 41 -9.67 -38.93 4.99
CA PRO C 41 -10.36 -39.59 6.11
C PRO C 41 -9.62 -40.78 6.67
N GLY C 42 -9.12 -41.66 5.82
CA GLY C 42 -8.34 -42.79 6.28
C GLY C 42 -6.85 -42.58 6.11
N GLN C 43 -6.36 -41.42 6.53
CA GLN C 43 -4.96 -41.07 6.38
C GLN C 43 -4.60 -40.00 7.41
N GLY C 44 -3.32 -39.65 7.46
CA GLY C 44 -2.82 -38.60 8.30
C GLY C 44 -2.69 -37.28 7.57
N LEU C 45 -1.91 -36.38 8.16
CA LEU C 45 -1.71 -35.06 7.56
C LEU C 45 -0.84 -35.16 6.31
N GLU C 46 -1.19 -34.40 5.28
CA GLU C 46 -0.45 -34.37 4.03
C GLU C 46 -0.24 -32.92 3.62
N TRP C 47 1.01 -32.49 3.58
CA TRP C 47 1.33 -31.11 3.23
C TRP C 47 1.18 -30.88 1.74
N MET C 48 0.52 -29.78 1.38
CA MET C 48 0.24 -29.46 -0.02
C MET C 48 1.12 -28.35 -0.57
N GLY C 49 1.33 -27.28 0.18
CA GLY C 49 2.12 -26.17 -0.32
C GLY C 49 2.08 -24.98 0.60
N ILE C 50 2.84 -23.96 0.20
CA ILE C 50 3.01 -22.74 0.99
C ILE C 50 2.97 -21.54 0.06
N ILE C 51 2.46 -20.43 0.56
CA ILE C 51 2.45 -19.15 -0.13
C ILE C 51 2.94 -18.07 0.83
N ASN C 52 3.80 -17.18 0.35
CA ASN C 52 4.32 -16.16 1.23
C ASN C 52 3.29 -15.04 1.43
N PRO C 53 3.46 -14.23 2.47
CA PRO C 53 2.55 -13.07 2.64
C PRO C 53 2.46 -12.19 1.41
N SER C 54 3.57 -11.93 0.73
CA SER C 54 3.58 -11.00 -0.39
C SER C 54 3.24 -11.69 -1.71
N GLY C 55 3.92 -11.29 -2.79
CA GLY C 55 3.61 -11.77 -4.13
C GLY C 55 3.94 -13.21 -4.44
N VAL C 56 2.95 -14.09 -4.29
CA VAL C 56 3.03 -15.48 -4.71
C VAL C 56 4.27 -16.14 -4.11
N SER C 57 5.29 -16.34 -4.93
CA SER C 57 6.49 -17.09 -4.54
C SER C 57 6.12 -18.36 -3.81
N THR C 58 5.24 -19.15 -4.43
CA THR C 58 4.67 -20.33 -3.82
C THR C 58 5.61 -21.53 -3.96
N THR C 59 5.32 -22.56 -3.16
CA THR C 59 5.99 -23.85 -3.29
C THR C 59 4.95 -24.94 -3.08
N TYR C 60 4.82 -25.84 -4.05
CA TYR C 60 3.86 -26.94 -3.99
C TYR C 60 4.59 -28.27 -3.85
N ALA C 61 3.93 -29.22 -3.18
CA ALA C 61 4.48 -30.54 -3.02
C ALA C 61 4.60 -31.24 -4.37
N GLN C 62 5.45 -32.26 -4.41
CA GLN C 62 5.70 -32.97 -5.67
C GLN C 62 4.43 -33.63 -6.21
N LYS C 63 3.63 -34.22 -5.32
CA LYS C 63 2.42 -34.93 -5.77
C LYS C 63 1.35 -33.99 -6.31
N PHE C 64 1.41 -32.70 -6.00
CA PHE C 64 0.45 -31.74 -6.47
C PHE C 64 1.04 -30.78 -7.51
N GLN C 65 2.26 -31.03 -7.96
CA GLN C 65 2.90 -30.16 -8.93
C GLN C 65 2.11 -30.14 -10.23
N GLY C 66 1.60 -28.97 -10.58
CA GLY C 66 0.77 -28.81 -11.76
C GLY C 66 -0.71 -28.98 -11.53
N ARG C 67 -1.14 -29.20 -10.29
CA ARG C 67 -2.55 -29.41 -9.97
C ARG C 67 -3.11 -28.38 -9.01
N VAL C 68 -2.30 -27.82 -8.12
CA VAL C 68 -2.76 -26.90 -7.09
C VAL C 68 -2.29 -25.50 -7.44
N THR C 69 -3.12 -24.51 -7.17
CA THR C 69 -2.79 -23.11 -7.36
C THR C 69 -3.19 -22.33 -6.13
N MET C 70 -2.20 -21.75 -5.45
CA MET C 70 -2.42 -21.00 -4.22
C MET C 70 -2.17 -19.52 -4.49
N THR C 71 -3.20 -18.69 -4.27
CA THR C 71 -3.11 -17.26 -4.48
C THR C 71 -3.66 -16.53 -3.26
N ARG C 72 -3.55 -15.21 -3.27
CA ARG C 72 -4.14 -14.39 -2.23
C ARG C 72 -4.83 -13.20 -2.86
N ASP C 73 -5.80 -12.64 -2.15
CA ASP C 73 -6.48 -11.41 -2.53
C ASP C 73 -5.96 -10.34 -1.56
N THR C 74 -4.94 -9.60 -1.98
CA THR C 74 -4.27 -8.55 -1.22
C THR C 74 -5.17 -7.89 -0.18
N SER C 75 -6.22 -7.23 -0.64
CA SER C 75 -7.18 -6.54 0.21
C SER C 75 -7.68 -7.39 1.37
N THR C 76 -8.47 -8.42 1.08
CA THR C 76 -9.12 -9.20 2.12
C THR C 76 -8.21 -10.19 2.83
N THR C 77 -6.90 -10.16 2.57
CA THR C 77 -5.93 -11.08 3.15
C THR C 77 -6.44 -12.53 3.16
N THR C 78 -7.17 -12.91 2.12
CA THR C 78 -7.76 -14.24 2.01
C THR C 78 -6.85 -15.12 1.15
N PHE C 79 -6.48 -16.28 1.69
CA PHE C 79 -5.57 -17.20 1.00
C PHE C 79 -6.37 -18.32 0.37
N TYR C 80 -6.10 -18.58 -0.91
CA TYR C 80 -6.87 -19.53 -1.70
C TYR C 80 -6.05 -20.76 -2.04
N MET C 81 -6.72 -21.89 -2.13
CA MET C 81 -6.13 -23.14 -2.61
C MET C 81 -7.05 -23.71 -3.68
N GLU C 82 -6.57 -23.72 -4.92
CA GLU C 82 -7.33 -24.24 -6.04
C GLU C 82 -6.69 -25.53 -6.52
N LEU C 83 -7.44 -26.63 -6.46
CA LEU C 83 -6.95 -27.95 -6.86
C LEU C 83 -7.73 -28.41 -8.08
N SER C 84 -7.02 -28.65 -9.17
CA SER C 84 -7.64 -29.02 -10.44
C SER C 84 -7.51 -30.52 -10.69
N SER C 85 -8.31 -31.01 -11.63
CA SER C 85 -8.37 -32.43 -11.98
C SER C 85 -8.58 -33.29 -10.74
N LEU C 86 -9.68 -33.01 -10.05
CA LEU C 86 -9.99 -33.70 -8.80
C LEU C 86 -10.34 -35.16 -9.07
N ARG C 87 -9.84 -36.04 -8.20
CA ARG C 87 -10.16 -37.46 -8.25
C ARG C 87 -10.70 -37.88 -6.88
N SER C 88 -11.21 -39.11 -6.81
CA SER C 88 -11.81 -39.59 -5.56
C SER C 88 -10.84 -39.52 -4.38
N ALA C 89 -9.54 -39.68 -4.65
CA ALA C 89 -8.56 -39.63 -3.57
C ALA C 89 -8.36 -38.22 -3.03
N ASP C 90 -8.84 -37.19 -3.72
CA ASP C 90 -8.71 -35.82 -3.23
C ASP C 90 -9.74 -35.46 -2.17
N THR C 91 -10.69 -36.36 -1.88
CA THR C 91 -11.66 -36.14 -0.82
C THR C 91 -10.97 -36.10 0.53
N ALA C 92 -10.92 -34.93 1.15
CA ALA C 92 -10.21 -34.74 2.41
C ALA C 92 -10.66 -33.41 3.02
N VAL C 93 -10.27 -33.20 4.27
CA VAL C 93 -10.47 -31.93 4.94
C VAL C 93 -9.22 -31.09 4.72
N TYR C 94 -9.40 -29.88 4.19
CA TYR C 94 -8.30 -29.02 3.77
C TYR C 94 -8.18 -27.86 4.75
N TYR C 95 -7.04 -27.78 5.43
CA TYR C 95 -6.76 -26.76 6.42
C TYR C 95 -5.77 -25.74 5.87
N CYS C 96 -5.94 -24.49 6.30
CA CYS C 96 -4.94 -23.45 6.10
C CYS C 96 -4.29 -23.14 7.45
N ALA C 97 -2.99 -22.88 7.43
CA ALA C 97 -2.23 -22.69 8.67
C ALA C 97 -1.18 -21.62 8.47
N ARG C 98 -1.01 -20.79 9.49
CA ARG C 98 -0.02 -19.71 9.46
C ARG C 98 1.33 -20.23 9.93
N GLU C 99 2.39 -19.64 9.38
CA GLU C 99 3.76 -19.96 9.78
C GLU C 99 4.51 -18.67 10.03
N ASN C 100 4.86 -18.40 11.28
CA ASN C 100 5.69 -17.25 11.60
C ASN C 100 7.12 -17.50 11.17
N GLY C 101 7.79 -16.43 10.75
CA GLY C 101 9.20 -16.53 10.45
C GLY C 101 9.51 -17.34 9.21
N GLY C 102 9.27 -18.65 9.27
CA GLY C 102 9.55 -19.59 8.22
C GLY C 102 10.42 -20.70 8.73
N ASN C 103 10.91 -21.54 7.80
CA ASN C 103 11.75 -22.69 8.13
C ASN C 103 11.12 -23.52 9.23
N SER C 104 11.67 -23.41 10.44
CA SER C 104 10.99 -23.90 11.63
C SER C 104 9.62 -23.25 11.72
N GLY C 105 9.60 -21.98 12.12
CA GLY C 105 8.34 -21.30 12.32
C GLY C 105 7.44 -22.08 13.23
N ASP C 106 6.14 -21.84 13.08
CA ASP C 106 5.14 -22.58 13.84
C ASP C 106 3.89 -22.72 12.99
N PHE C 107 3.22 -23.86 13.15
CA PHE C 107 1.82 -23.96 12.74
C PHE C 107 0.88 -23.47 13.83
N ASP C 108 1.29 -22.37 14.47
CA ASP C 108 0.61 -21.71 15.58
C ASP C 108 -0.92 -21.79 15.53
N TYR C 109 -1.51 -21.31 14.44
CA TYR C 109 -2.95 -21.20 14.33
C TYR C 109 -3.42 -21.84 13.02
N TRP C 110 -4.55 -22.53 13.10
CA TRP C 110 -5.13 -23.24 11.98
C TRP C 110 -6.53 -22.75 11.71
N GLY C 111 -7.03 -23.06 10.52
CA GLY C 111 -8.43 -22.87 10.22
C GLY C 111 -9.25 -24.04 10.73
N GLN C 112 -10.57 -23.91 10.56
CA GLN C 112 -11.47 -24.97 11.01
C GLN C 112 -11.46 -26.17 10.08
N GLY C 113 -10.95 -26.02 8.86
CA GLY C 113 -10.96 -27.10 7.89
C GLY C 113 -12.16 -27.07 6.98
N ALA C 114 -11.95 -27.37 5.70
CA ALA C 114 -13.02 -27.38 4.70
C ALA C 114 -13.06 -28.75 4.04
N LEU C 115 -14.19 -29.45 4.19
CA LEU C 115 -14.35 -30.77 3.61
C LEU C 115 -14.71 -30.65 2.13
N VAL C 116 -13.88 -31.25 1.27
CA VAL C 116 -14.15 -31.35 -0.15
C VAL C 116 -14.40 -32.82 -0.48
N THR C 117 -15.55 -33.09 -1.09
CA THR C 117 -15.96 -34.45 -1.43
C THR C 117 -15.99 -34.60 -2.94
N VAL C 118 -15.17 -35.50 -3.46
CA VAL C 118 -15.04 -35.72 -4.90
C VAL C 118 -15.59 -37.09 -5.24
N SER C 119 -16.63 -37.11 -6.07
CA SER C 119 -17.26 -38.33 -6.57
C SER C 119 -18.24 -37.92 -7.65
N SER C 120 -18.71 -38.91 -8.42
CA SER C 120 -19.73 -38.67 -9.43
C SER C 120 -21.01 -38.27 -8.70
N ALA C 121 -21.03 -37.01 -8.25
CA ALA C 121 -21.98 -36.49 -7.27
C ALA C 121 -23.41 -36.65 -7.71
N SER C 122 -24.01 -37.79 -7.37
CA SER C 122 -25.44 -38.02 -7.52
C SER C 122 -26.05 -38.02 -6.12
N THR C 123 -26.85 -37.00 -5.82
CA THR C 123 -27.49 -36.89 -4.51
C THR C 123 -28.50 -38.01 -4.32
N LYS C 124 -28.01 -39.24 -4.14
CA LYS C 124 -28.86 -40.42 -4.06
C LYS C 124 -29.26 -40.67 -2.60
N GLY C 125 -30.55 -40.94 -2.40
CA GLY C 125 -31.07 -41.19 -1.09
C GLY C 125 -30.87 -42.62 -0.64
N PRO C 126 -30.73 -42.84 0.67
CA PRO C 126 -30.51 -44.18 1.24
C PRO C 126 -31.77 -45.04 1.19
N LYS C 150 -28.20 -47.84 3.49
CA LYS C 150 -27.37 -48.45 2.46
C LYS C 150 -27.52 -47.73 1.12
N ASP C 151 -26.40 -47.57 0.42
CA ASP C 151 -26.36 -47.01 -0.93
C ASP C 151 -26.94 -45.59 -0.94
N TYR C 152 -26.14 -44.66 -0.42
CA TYR C 152 -26.48 -43.25 -0.40
C TYR C 152 -25.26 -42.43 -0.73
N PHE C 153 -25.49 -41.22 -1.23
CA PHE C 153 -24.42 -40.28 -1.48
C PHE C 153 -25.03 -38.89 -1.56
N PRO C 154 -24.35 -37.85 -1.05
CA PRO C 154 -23.06 -37.87 -0.37
C PRO C 154 -23.15 -37.99 1.15
N GLU C 155 -22.00 -38.14 1.80
CA GLU C 155 -21.94 -38.13 3.25
C GLU C 155 -22.27 -36.73 3.77
N PRO C 156 -22.71 -36.61 5.03
CA PRO C 156 -23.00 -37.68 5.98
C PRO C 156 -24.48 -37.98 6.12
N VAL C 157 -24.83 -39.12 6.72
CA VAL C 157 -26.20 -39.43 7.12
C VAL C 157 -26.21 -39.50 8.64
N THR C 158 -27.23 -38.89 9.24
CA THR C 158 -27.37 -38.85 10.69
C THR C 158 -28.56 -39.70 11.09
N VAL C 159 -28.34 -40.62 12.03
CA VAL C 159 -29.36 -41.55 12.48
C VAL C 159 -29.54 -41.39 13.99
N SER C 160 -30.78 -41.14 14.40
CA SER C 160 -31.17 -41.10 15.81
C SER C 160 -32.20 -42.18 16.07
N TRP C 161 -32.51 -42.41 17.34
CA TRP C 161 -33.45 -43.44 17.75
C TRP C 161 -34.51 -42.83 18.66
N ASN C 162 -35.78 -43.10 18.35
CA ASN C 162 -36.92 -42.57 19.11
C ASN C 162 -36.86 -41.05 19.20
N SER C 163 -36.54 -40.41 18.08
CA SER C 163 -36.46 -38.95 17.98
C SER C 163 -35.44 -38.38 18.97
N GLY C 164 -34.34 -39.09 19.15
CA GLY C 164 -33.28 -38.65 20.06
C GLY C 164 -33.56 -38.99 21.51
N HIS C 171 -24.66 -47.34 18.77
CA HIS C 171 -23.40 -47.12 18.08
C HIS C 171 -23.61 -46.92 16.58
N THR C 172 -23.26 -45.73 16.09
CA THR C 172 -23.35 -45.40 14.68
C THR C 172 -21.96 -45.52 14.07
N PHE C 173 -21.77 -46.51 13.20
CA PHE C 173 -20.48 -46.81 12.62
C PHE C 173 -20.15 -45.84 11.48
N PRO C 174 -18.86 -45.58 11.25
CA PRO C 174 -18.49 -44.72 10.13
C PRO C 174 -18.89 -45.35 8.79
N ALA C 175 -19.20 -44.49 7.82
CA ALA C 175 -19.66 -44.96 6.52
C ALA C 175 -18.53 -45.63 5.76
N VAL C 176 -18.90 -46.59 4.92
CA VAL C 176 -17.95 -47.35 4.10
C VAL C 176 -18.25 -47.07 2.64
N LEU C 177 -17.22 -46.69 1.88
CA LEU C 177 -17.37 -46.44 0.47
C LEU C 177 -17.48 -47.76 -0.29
N GLN C 178 -18.50 -47.89 -1.11
CA GLN C 178 -18.75 -49.11 -1.86
C GLN C 178 -18.09 -49.04 -3.23
N SER C 179 -18.02 -50.20 -3.89
CA SER C 179 -17.52 -50.25 -5.26
C SER C 179 -18.42 -49.48 -6.22
N SER C 180 -19.68 -49.28 -5.85
CA SER C 180 -20.60 -48.47 -6.64
C SER C 180 -20.29 -46.98 -6.57
N GLY C 181 -19.38 -46.57 -5.69
CA GLY C 181 -19.12 -45.18 -5.44
C GLY C 181 -20.02 -44.54 -4.40
N LEU C 182 -20.97 -45.30 -3.85
CA LEU C 182 -21.89 -44.81 -2.85
C LEU C 182 -21.44 -45.27 -1.46
N TYR C 183 -22.16 -44.83 -0.43
CA TYR C 183 -21.84 -45.16 0.95
C TYR C 183 -22.95 -45.98 1.57
N SER C 184 -22.58 -46.74 2.61
CA SER C 184 -23.53 -47.57 3.34
C SER C 184 -23.06 -47.79 4.77
N ASN C 206 -31.65 -39.44 8.57
CA ASN C 206 -31.77 -38.15 7.89
C ASN C 206 -30.62 -37.94 6.92
N HIS C 207 -30.93 -37.88 5.64
CA HIS C 207 -29.97 -37.59 4.58
C HIS C 207 -30.36 -36.26 3.95
N LYS C 208 -29.83 -35.17 4.51
CA LYS C 208 -30.17 -33.84 4.01
C LYS C 208 -29.76 -33.60 2.57
N PRO C 209 -28.59 -34.03 2.08
CA PRO C 209 -28.25 -33.77 0.67
C PRO C 209 -29.26 -34.32 -0.32
N SER C 210 -30.02 -35.35 0.06
CA SER C 210 -31.09 -35.88 -0.78
C SER C 210 -32.47 -35.56 -0.22
N ASN C 211 -32.55 -34.76 0.84
CA ASN C 211 -33.81 -34.41 1.50
C ASN C 211 -34.57 -35.66 1.93
N THR C 212 -33.85 -36.73 2.23
CA THR C 212 -34.43 -38.02 2.57
C THR C 212 -34.51 -38.18 4.09
N LYS C 213 -35.69 -38.52 4.58
CA LYS C 213 -35.90 -38.80 6.00
C LYS C 213 -36.77 -40.04 6.11
N VAL C 214 -36.17 -41.15 6.55
CA VAL C 214 -36.87 -42.43 6.68
C VAL C 214 -36.83 -42.85 8.14
N ASP C 215 -37.95 -43.38 8.63
CA ASP C 215 -38.10 -43.79 10.03
C ASP C 215 -38.55 -45.25 10.06
N LYS C 216 -37.59 -46.16 9.87
CA LYS C 216 -37.87 -47.58 9.95
C LYS C 216 -37.22 -48.19 11.19
N GLU D 1 13.32 -36.93 -1.41
CA GLU D 1 12.87 -36.12 -0.27
C GLU D 1 13.25 -36.79 1.06
N ILE D 2 12.89 -36.14 2.16
CA ILE D 2 13.21 -36.65 3.49
C ILE D 2 12.01 -37.43 4.01
N GLY D 3 12.27 -38.65 4.47
CA GLY D 3 11.24 -39.51 5.04
C GLY D 3 11.31 -39.49 6.57
N MET D 4 10.15 -39.30 7.18
CA MET D 4 10.03 -39.23 8.63
C MET D 4 9.30 -40.47 9.12
N THR D 5 9.87 -41.14 10.13
CA THR D 5 9.33 -42.37 10.67
C THR D 5 9.07 -42.21 12.16
N GLN D 6 7.82 -42.48 12.56
CA GLN D 6 7.42 -42.44 13.96
C GLN D 6 7.24 -43.85 14.50
N SER D 7 7.62 -44.05 15.76
CA SER D 7 7.47 -45.32 16.44
C SER D 7 7.12 -45.06 17.89
N PRO D 8 6.20 -45.86 18.47
CA PRO D 8 5.48 -46.98 17.86
C PRO D 8 4.33 -46.51 16.98
N ALA D 9 3.65 -47.43 16.29
CA ALA D 9 2.49 -47.05 15.50
C ALA D 9 1.33 -46.63 16.41
N THR D 10 1.19 -47.29 17.56
CA THR D 10 0.18 -46.95 18.55
C THR D 10 0.76 -47.15 19.93
N LEU D 11 0.54 -46.18 20.82
CA LEU D 11 1.02 -46.24 22.20
C LEU D 11 -0.18 -46.15 23.14
N SER D 12 -0.27 -47.10 24.07
CA SER D 12 -1.41 -47.21 24.97
C SER D 12 -0.88 -47.20 26.40
N LEU D 13 -1.09 -46.08 27.10
CA LEU D 13 -0.57 -45.90 28.46
C LEU D 13 -1.64 -45.26 29.33
N SER D 14 -1.52 -45.48 30.63
CA SER D 14 -2.48 -44.99 31.61
C SER D 14 -2.19 -43.54 32.00
N PRO D 15 -3.20 -42.83 32.51
CA PRO D 15 -2.97 -41.45 32.97
C PRO D 15 -1.95 -41.39 34.10
N GLY D 16 -0.99 -40.48 33.96
CA GLY D 16 0.09 -40.34 34.90
C GLY D 16 1.38 -41.04 34.48
N GLU D 17 1.32 -41.90 33.48
CA GLU D 17 2.50 -42.60 33.00
C GLU D 17 3.35 -41.67 32.14
N ARG D 18 4.60 -42.05 31.96
CA ARG D 18 5.54 -41.31 31.13
C ARG D 18 5.43 -41.81 29.69
N GLY D 19 5.20 -40.90 28.76
CA GLY D 19 5.00 -41.24 27.36
C GLY D 19 6.18 -40.79 26.51
N THR D 20 6.62 -41.69 25.62
CA THR D 20 7.75 -41.44 24.74
C THR D 20 7.39 -41.78 23.31
N LEU D 21 7.37 -40.77 22.45
CA LEU D 21 7.10 -40.94 21.03
C LEU D 21 8.39 -40.64 20.25
N SER D 22 8.76 -41.56 19.36
CA SER D 22 9.99 -41.43 18.59
C SER D 22 9.69 -40.93 17.19
N CYS D 23 10.65 -40.21 16.62
CA CYS D 23 10.56 -39.73 15.25
C CYS D 23 11.95 -39.81 14.65
N ARG D 24 12.09 -40.62 13.59
CA ARG D 24 13.37 -40.85 12.97
C ARG D 24 13.34 -40.33 11.54
N ALA D 25 14.38 -39.60 11.17
CA ALA D 25 14.48 -38.99 9.85
C ALA D 25 15.39 -39.83 8.96
N SER D 26 15.05 -39.86 7.66
CA SER D 26 15.85 -40.61 6.71
C SER D 26 17.23 -40.00 6.53
N GLN D 27 17.36 -38.70 6.76
CA GLN D 27 18.66 -38.03 6.73
C GLN D 27 18.66 -36.91 7.75
N SER D 28 19.84 -36.38 8.01
CA SER D 28 19.99 -35.36 9.05
C SER D 28 19.19 -34.11 8.71
N VAL D 29 18.30 -33.73 9.61
CA VAL D 29 17.54 -32.49 9.49
C VAL D 29 17.96 -31.48 10.55
N SER D 30 19.15 -31.66 11.13
CA SER D 30 19.68 -30.80 12.21
C SER D 30 18.62 -30.75 13.31
N SER D 31 18.30 -29.57 13.84
CA SER D 31 17.18 -29.42 14.76
C SER D 31 15.92 -28.92 14.06
N TYR D 32 15.84 -29.11 12.75
CA TYR D 32 14.69 -28.64 11.97
C TYR D 32 13.61 -29.71 12.03
N LEU D 33 12.87 -29.71 13.13
CA LEU D 33 11.87 -30.74 13.43
C LEU D 33 10.82 -30.14 14.34
N ALA D 34 9.56 -30.46 14.08
CA ALA D 34 8.46 -29.92 14.87
C ALA D 34 7.46 -31.02 15.18
N TRP D 35 6.85 -30.95 16.36
CA TRP D 35 5.86 -31.92 16.81
C TRP D 35 4.48 -31.27 16.86
N TYR D 36 3.46 -32.08 16.59
CA TYR D 36 2.09 -31.58 16.53
C TYR D 36 1.15 -32.55 17.22
N GLN D 37 0.06 -32.00 17.76
CA GLN D 37 -1.02 -32.77 18.36
C GLN D 37 -2.31 -32.47 17.62
N GLN D 38 -3.01 -33.51 17.19
CA GLN D 38 -4.30 -33.37 16.52
C GLN D 38 -5.35 -34.14 17.30
N LYS D 39 -6.25 -33.42 17.95
CA LYS D 39 -7.39 -34.02 18.62
C LYS D 39 -8.48 -34.36 17.61
N PRO D 40 -9.34 -35.34 17.93
CA PRO D 40 -10.37 -35.77 16.96
C PRO D 40 -11.27 -34.62 16.55
N GLY D 41 -11.51 -34.52 15.24
CA GLY D 41 -12.35 -33.48 14.67
C GLY D 41 -11.78 -32.08 14.74
N GLN D 42 -10.56 -31.92 15.25
CA GLN D 42 -9.93 -30.61 15.35
C GLN D 42 -8.79 -30.49 14.35
N ALA D 43 -8.36 -29.26 14.14
CA ALA D 43 -7.12 -29.02 13.43
C ALA D 43 -5.93 -29.33 14.33
N PRO D 44 -4.79 -29.71 13.75
CA PRO D 44 -3.61 -30.02 14.57
C PRO D 44 -3.14 -28.82 15.38
N ARG D 45 -2.30 -29.10 16.37
CA ARG D 45 -1.79 -28.10 17.30
C ARG D 45 -0.31 -28.32 17.49
N LEU D 46 0.49 -27.28 17.23
CA LEU D 46 1.93 -27.38 17.42
C LEU D 46 2.24 -27.53 18.89
N LEU D 47 3.13 -28.48 19.21
CA LEU D 47 3.63 -28.65 20.56
C LEU D 47 5.07 -28.18 20.70
N ILE D 48 5.98 -28.74 19.91
CA ILE D 48 7.40 -28.43 19.98
C ILE D 48 7.87 -27.98 18.59
N TYR D 49 8.67 -26.93 18.56
CA TYR D 49 9.31 -26.46 17.34
C TYR D 49 10.81 -26.44 17.55
N ASN D 50 11.56 -26.60 16.44
CA ASN D 50 13.01 -26.71 16.48
C ASN D 50 13.44 -27.80 17.47
N ALA D 51 12.77 -28.95 17.40
CA ALA D 51 13.13 -30.18 18.09
C ALA D 51 12.93 -30.11 19.60
N SER D 52 13.27 -29.00 20.23
CA SER D 52 13.31 -28.95 21.69
C SER D 52 12.70 -27.68 22.29
N ASN D 53 12.08 -26.82 21.50
CA ASN D 53 11.53 -25.57 22.00
C ASN D 53 10.03 -25.70 22.19
N ARG D 54 9.54 -25.30 23.36
CA ARG D 54 8.12 -25.41 23.68
C ARG D 54 7.35 -24.26 23.04
N ALA D 55 6.22 -24.59 22.42
CA ALA D 55 5.39 -23.57 21.80
C ALA D 55 4.64 -22.76 22.86
N THR D 56 4.03 -21.67 22.41
CA THR D 56 3.30 -20.79 23.31
C THR D 56 2.06 -21.49 23.86
N GLY D 57 1.86 -21.38 25.18
CA GLY D 57 0.68 -21.92 25.82
C GLY D 57 0.62 -23.43 25.93
N ILE D 58 1.67 -24.13 25.53
CA ILE D 58 1.68 -25.59 25.62
C ILE D 58 1.98 -25.99 27.06
N PRO D 59 1.23 -26.93 27.64
CA PRO D 59 1.51 -27.36 29.02
C PRO D 59 2.92 -27.88 29.19
N ALA D 60 3.44 -27.73 30.41
CA ALA D 60 4.84 -28.06 30.69
C ALA D 60 5.12 -29.55 30.58
N ARG D 61 4.11 -30.40 30.66
CA ARG D 61 4.34 -31.84 30.59
C ARG D 61 4.82 -32.30 29.22
N PHE D 62 4.79 -31.44 28.21
CA PHE D 62 5.28 -31.75 26.88
C PHE D 62 6.71 -31.25 26.71
N SER D 63 7.58 -32.10 26.17
CA SER D 63 8.96 -31.72 25.91
C SER D 63 9.49 -32.50 24.72
N GLY D 64 10.49 -31.94 24.07
CA GLY D 64 11.11 -32.57 22.93
C GLY D 64 12.62 -32.54 23.02
N SER D 65 13.25 -33.51 22.36
CA SER D 65 14.70 -33.60 22.34
C SER D 65 15.14 -34.29 21.05
N GLY D 66 16.42 -34.11 20.72
CA GLY D 66 17.00 -34.80 19.58
C GLY D 66 17.49 -33.86 18.50
N SER D 67 18.39 -34.37 17.66
CA SER D 67 18.94 -33.61 16.54
C SER D 67 19.44 -34.59 15.51
N GLY D 68 19.59 -34.10 14.28
CA GLY D 68 20.04 -34.94 13.19
C GLY D 68 18.96 -35.85 12.66
N THR D 69 18.93 -37.09 13.12
CA THR D 69 18.02 -38.10 12.59
C THR D 69 17.03 -38.65 13.61
N ASP D 70 17.35 -38.63 14.90
CA ASP D 70 16.50 -39.20 15.93
C ASP D 70 15.90 -38.10 16.79
N PHE D 71 14.57 -38.12 16.95
CA PHE D 71 13.86 -37.13 17.73
C PHE D 71 12.86 -37.82 18.65
N THR D 72 12.59 -37.18 19.78
CA THR D 72 11.74 -37.75 20.82
C THR D 72 10.82 -36.68 21.39
N LEU D 73 9.52 -36.98 21.41
CA LEU D 73 8.53 -36.15 22.08
C LEU D 73 8.14 -36.84 23.39
N THR D 74 8.23 -36.11 24.49
CA THR D 74 8.04 -36.67 25.83
C THR D 74 6.85 -35.99 26.50
N ILE D 75 5.92 -36.81 27.00
CA ILE D 75 4.83 -36.36 27.85
C ILE D 75 5.12 -36.88 29.26
N SER D 76 5.54 -35.98 30.14
CA SER D 76 6.04 -36.40 31.45
C SER D 76 4.96 -37.07 32.28
N SER D 77 3.72 -36.59 32.17
CA SER D 77 2.60 -37.15 32.91
C SER D 77 1.36 -37.07 32.02
N LEU D 78 0.94 -38.23 31.49
CA LEU D 78 -0.17 -38.26 30.56
C LEU D 78 -1.47 -37.86 31.24
N GLU D 79 -2.27 -37.07 30.54
CA GLU D 79 -3.61 -36.68 30.96
C GLU D 79 -4.63 -37.19 29.95
N PRO D 80 -5.89 -37.33 30.36
CA PRO D 80 -6.91 -37.81 29.41
C PRO D 80 -7.03 -36.96 28.15
N GLU D 81 -6.84 -35.64 28.26
CA GLU D 81 -6.94 -34.75 27.10
C GLU D 81 -5.85 -35.00 26.07
N ASP D 82 -4.86 -35.84 26.37
CA ASP D 82 -3.74 -36.08 25.46
C ASP D 82 -3.98 -37.27 24.53
N PHE D 83 -5.16 -37.88 24.58
CA PHE D 83 -5.53 -38.88 23.58
C PHE D 83 -5.63 -38.22 22.21
N ALA D 84 -4.68 -38.52 21.33
CA ALA D 84 -4.63 -37.89 20.02
C ALA D 84 -3.57 -38.60 19.19
N VAL D 85 -3.51 -38.24 17.91
CA VAL D 85 -2.45 -38.68 17.01
C VAL D 85 -1.43 -37.57 16.93
N TYR D 86 -0.15 -37.92 17.09
CA TYR D 86 0.93 -36.96 17.14
C TYR D 86 1.83 -37.13 15.92
N TYR D 87 2.04 -36.04 15.20
CA TYR D 87 2.86 -36.04 13.99
C TYR D 87 4.10 -35.19 14.22
N CYS D 88 5.23 -35.67 13.71
CA CYS D 88 6.43 -34.85 13.60
C CYS D 88 6.58 -34.38 12.16
N GLN D 89 7.28 -33.26 12.00
CA GLN D 89 7.40 -32.62 10.69
C GLN D 89 8.79 -32.03 10.54
N GLN D 90 9.43 -32.33 9.42
CA GLN D 90 10.73 -31.79 9.09
C GLN D 90 10.59 -30.58 8.18
N HIS D 91 11.63 -29.74 8.20
CA HIS D 91 11.65 -28.54 7.35
C HIS D 91 13.06 -28.12 7.02
N TYR D 92 14.05 -29.02 7.18
CA TYR D 92 15.45 -28.69 6.95
C TYR D 92 15.63 -27.92 5.65
N ASN D 93 15.09 -28.44 4.55
CA ASN D 93 15.09 -27.74 3.27
C ASN D 93 13.81 -26.91 3.21
N TRP D 94 13.96 -25.59 3.37
CA TRP D 94 12.82 -24.69 3.57
C TRP D 94 11.65 -24.90 2.62
N PRO D 95 11.85 -25.01 1.29
CA PRO D 95 10.67 -25.07 0.40
C PRO D 95 9.69 -26.17 0.73
N ARG D 96 10.17 -27.35 1.11
CA ARG D 96 9.31 -28.52 1.26
C ARG D 96 9.29 -29.01 2.70
N TYR D 97 8.23 -29.75 3.01
CA TYR D 97 7.98 -30.27 4.35
C TYR D 97 7.34 -31.64 4.22
N SER D 98 7.71 -32.56 5.10
CA SER D 98 7.08 -33.86 5.16
C SER D 98 6.72 -34.20 6.61
N PHE D 99 5.71 -35.05 6.76
CA PHE D 99 5.23 -35.47 8.06
C PHE D 99 5.55 -36.95 8.30
N GLY D 100 5.65 -37.30 9.58
CA GLY D 100 5.65 -38.71 9.94
C GLY D 100 4.28 -39.32 9.77
N GLN D 101 4.23 -40.65 9.83
CA GLN D 101 2.96 -41.33 9.67
C GLN D 101 2.04 -41.15 10.88
N GLY D 102 2.55 -40.61 11.98
CA GLY D 102 1.74 -40.36 13.15
C GLY D 102 1.75 -41.50 14.14
N THR D 103 1.81 -41.17 15.42
CA THR D 103 1.74 -42.15 16.50
C THR D 103 0.47 -41.87 17.29
N LYS D 104 -0.48 -42.80 17.26
CA LYS D 104 -1.74 -42.63 17.95
C LYS D 104 -1.56 -42.96 19.43
N VAL D 105 -1.83 -42.00 20.29
CA VAL D 105 -1.67 -42.16 21.73
C VAL D 105 -3.03 -42.55 22.30
N ASP D 106 -3.15 -43.79 22.77
CA ASP D 106 -4.37 -44.28 23.38
C ASP D 106 -4.22 -44.30 24.90
N ILE D 107 -5.35 -44.05 25.58
CA ILE D 107 -5.40 -44.16 27.04
C ILE D 107 -5.66 -45.63 27.38
N LYS D 108 -4.61 -46.32 27.82
CA LYS D 108 -4.68 -47.75 28.10
C LYS D 108 -5.85 -48.11 28.99
N ARG D 109 -6.61 -49.11 28.56
CA ARG D 109 -7.69 -49.69 29.34
C ARG D 109 -7.55 -51.20 29.36
N THR D 110 -8.12 -51.83 30.39
CA THR D 110 -8.07 -53.27 30.52
C THR D 110 -8.72 -53.94 29.32
N VAL D 111 -8.29 -55.18 29.06
CA VAL D 111 -8.82 -55.95 27.94
C VAL D 111 -10.28 -56.33 28.21
N ASN D 138 -19.52 -55.64 19.94
CA ASN D 138 -19.92 -54.42 20.63
C ASN D 138 -19.16 -54.26 21.94
N ASN D 139 -18.51 -53.11 22.10
CA ASN D 139 -17.75 -52.77 23.31
C ASN D 139 -16.66 -53.80 23.59
N PHE D 140 -15.47 -53.60 23.02
CA PHE D 140 -14.36 -54.51 23.21
C PHE D 140 -13.05 -53.75 23.12
N TYR D 141 -11.97 -54.42 23.57
CA TYR D 141 -10.62 -53.87 23.55
C TYR D 141 -9.67 -55.05 23.65
N PRO D 142 -8.53 -55.04 22.92
CA PRO D 142 -8.04 -54.00 22.01
C PRO D 142 -8.84 -53.90 20.72
N ARG D 143 -8.54 -52.89 19.90
CA ARG D 143 -9.24 -52.73 18.63
C ARG D 143 -9.05 -53.92 17.71
N GLU D 144 -7.98 -54.69 17.92
CA GLU D 144 -7.76 -55.90 17.12
C GLU D 144 -8.83 -56.93 17.42
N ALA D 145 -9.59 -57.30 16.41
CA ALA D 145 -10.65 -58.30 16.55
C ALA D 145 -10.92 -59.00 15.22
N SER D 163 -16.20 -51.91 9.46
CA SER D 163 -16.17 -50.57 10.01
C SER D 163 -16.09 -50.62 11.53
N VAL D 164 -15.19 -49.82 12.10
CA VAL D 164 -14.94 -49.79 13.53
C VAL D 164 -15.26 -48.39 14.05
N THR D 165 -15.93 -48.34 15.20
CA THR D 165 -16.24 -47.06 15.83
C THR D 165 -15.01 -46.47 16.50
N GLU D 166 -15.11 -45.18 16.84
CA GLU D 166 -14.09 -44.53 17.63
C GLU D 166 -14.08 -45.09 19.06
N GLN D 167 -13.03 -44.76 19.80
CA GLN D 167 -12.97 -45.17 21.20
C GLN D 167 -14.01 -44.40 22.00
N ASP D 168 -14.83 -45.13 22.75
CA ASP D 168 -15.93 -44.52 23.47
C ASP D 168 -15.43 -43.53 24.52
N SER D 169 -16.24 -42.53 24.80
CA SER D 169 -15.84 -41.47 25.74
C SER D 169 -16.09 -41.86 27.19
N LYS D 170 -16.92 -42.86 27.46
CA LYS D 170 -17.24 -43.26 28.82
C LYS D 170 -16.52 -44.53 29.25
N ASP D 171 -16.56 -45.58 28.44
CA ASP D 171 -15.93 -46.85 28.77
C ASP D 171 -14.79 -47.21 27.83
N SER D 172 -14.40 -46.30 26.93
CA SER D 172 -13.22 -46.47 26.09
C SER D 172 -13.28 -47.75 25.28
N THR D 173 -14.48 -48.09 24.82
CA THR D 173 -14.72 -49.31 24.07
C THR D 173 -14.87 -49.02 22.58
N TYR D 174 -14.61 -50.05 21.78
CA TYR D 174 -14.78 -50.01 20.34
C TYR D 174 -15.94 -50.91 19.93
N SER D 175 -16.53 -50.61 18.78
CA SER D 175 -17.58 -51.44 18.21
C SER D 175 -17.28 -51.80 16.76
N THR E 7 14.78 -25.41 -47.80
CA THR E 7 14.21 -25.15 -46.49
C THR E 7 12.77 -25.68 -46.39
N ASN E 8 11.94 -24.94 -45.66
CA ASN E 8 10.54 -25.33 -45.48
C ASN E 8 9.75 -24.11 -45.03
N LEU E 9 8.71 -24.33 -44.23
CA LEU E 9 7.93 -23.24 -43.66
C LEU E 9 8.76 -22.50 -42.62
N CYS E 10 8.25 -21.34 -42.18
CA CYS E 10 9.00 -20.58 -41.21
C CYS E 10 8.18 -20.39 -39.93
N PRO E 11 8.81 -20.54 -38.77
CA PRO E 11 8.06 -20.82 -37.53
C PRO E 11 7.58 -19.56 -36.81
N PHE E 12 6.75 -18.77 -37.49
CA PHE E 12 6.16 -17.61 -36.84
C PHE E 12 5.13 -18.01 -35.79
N GLY E 13 4.64 -19.25 -35.82
CA GLY E 13 3.73 -19.69 -34.79
C GLY E 13 4.38 -19.81 -33.43
N GLU E 14 5.69 -20.04 -33.39
CA GLU E 14 6.36 -20.19 -32.11
C GLU E 14 6.42 -18.89 -31.32
N VAL E 15 6.39 -17.75 -32.02
CA VAL E 15 6.51 -16.46 -31.36
C VAL E 15 5.12 -15.90 -31.06
N PHE E 16 4.28 -15.77 -32.09
CA PHE E 16 2.95 -15.21 -31.90
C PHE E 16 2.10 -16.12 -31.00
N ASN E 17 2.09 -17.42 -31.30
CA ASN E 17 1.29 -18.39 -30.56
C ASN E 17 2.04 -19.00 -29.37
N ALA E 18 2.99 -18.27 -28.79
CA ALA E 18 3.65 -18.76 -27.59
C ALA E 18 2.69 -18.77 -26.42
N THR E 19 2.83 -19.77 -25.55
CA THR E 19 1.92 -19.89 -24.41
C THR E 19 2.14 -18.76 -23.40
N ARG E 20 3.41 -18.47 -23.08
CA ARG E 20 3.76 -17.41 -22.15
C ARG E 20 4.78 -16.47 -22.79
N PHE E 21 4.57 -15.18 -22.61
CA PHE E 21 5.49 -14.15 -23.08
C PHE E 21 6.40 -13.69 -21.95
N ALA E 22 7.48 -13.02 -22.34
CA ALA E 22 8.39 -12.42 -21.38
C ALA E 22 7.92 -11.03 -20.99
N SER E 23 8.33 -10.60 -19.80
CA SER E 23 8.04 -9.24 -19.37
C SER E 23 8.81 -8.25 -20.24
N VAL E 24 8.33 -7.00 -20.27
CA VAL E 24 8.84 -6.03 -21.24
C VAL E 24 10.29 -5.67 -20.95
N TYR E 25 10.64 -5.52 -19.66
CA TYR E 25 12.03 -5.22 -19.32
C TYR E 25 12.97 -6.34 -19.73
N ALA E 26 12.52 -7.59 -19.63
CA ALA E 26 13.31 -8.74 -20.06
C ALA E 26 12.74 -9.28 -21.36
N TRP E 27 12.59 -8.41 -22.36
CA TRP E 27 11.94 -8.79 -23.61
C TRP E 27 12.72 -9.90 -24.32
N ASN E 28 12.00 -10.95 -24.72
CA ASN E 28 12.60 -12.05 -25.45
C ASN E 28 12.88 -11.66 -26.89
N ARG E 29 14.02 -12.11 -27.40
CA ARG E 29 14.40 -11.90 -28.79
C ARG E 29 14.62 -13.24 -29.45
N LYS E 30 13.93 -13.47 -30.56
CA LYS E 30 13.98 -14.75 -31.27
C LYS E 30 14.70 -14.54 -32.60
N ARG E 31 15.96 -14.96 -32.63
CA ARG E 31 16.82 -14.84 -33.82
C ARG E 31 16.48 -15.98 -34.77
N ILE E 32 15.50 -15.76 -35.64
CA ILE E 32 15.09 -16.75 -36.63
C ILE E 32 15.86 -16.49 -37.92
N SER E 33 16.09 -17.57 -38.67
CA SER E 33 16.87 -17.49 -39.90
C SER E 33 16.69 -18.73 -40.77
N ASN E 34 15.45 -19.21 -40.89
CA ASN E 34 15.19 -20.40 -41.68
C ASN E 34 14.74 -20.05 -43.10
N CYS E 35 13.84 -19.07 -43.23
CA CYS E 35 13.26 -18.75 -44.52
C CYS E 35 12.60 -17.38 -44.43
N VAL E 36 11.78 -17.05 -45.43
CA VAL E 36 10.84 -15.95 -45.37
C VAL E 36 9.45 -16.55 -45.52
N ALA E 37 8.56 -16.21 -44.60
CA ALA E 37 7.17 -16.61 -44.70
C ALA E 37 6.37 -15.55 -45.45
N ASP E 38 5.11 -15.86 -45.73
CA ASP E 38 4.25 -14.91 -46.44
C ASP E 38 3.84 -13.82 -45.46
N TYR E 39 4.60 -12.72 -45.46
CA TYR E 39 4.26 -11.60 -44.58
C TYR E 39 2.93 -10.98 -44.97
N SER E 40 2.54 -11.11 -46.24
CA SER E 40 1.22 -10.66 -46.67
C SER E 40 0.10 -11.48 -46.07
N VAL E 41 0.41 -12.64 -45.47
CA VAL E 41 -0.60 -13.42 -44.76
C VAL E 41 -0.83 -12.89 -43.36
N LEU E 42 0.25 -12.49 -42.67
CA LEU E 42 0.11 -11.99 -41.30
C LEU E 42 -0.54 -10.60 -41.27
N TYR E 43 -0.35 -9.80 -42.33
CA TYR E 43 -0.86 -8.43 -42.33
C TYR E 43 -2.38 -8.41 -42.32
N ASN E 44 -3.00 -9.17 -43.23
CA ASN E 44 -4.46 -9.19 -43.33
C ASN E 44 -5.13 -10.02 -42.25
N SER E 45 -4.38 -10.44 -41.23
CA SER E 45 -4.95 -11.21 -40.13
C SER E 45 -5.66 -10.26 -39.18
N ALA E 46 -6.96 -10.48 -38.98
CA ALA E 46 -7.75 -9.63 -38.10
C ALA E 46 -7.38 -9.80 -36.63
N SER E 47 -6.55 -10.78 -36.30
CA SER E 47 -6.11 -10.97 -34.92
C SER E 47 -5.21 -9.85 -34.43
N PHE E 48 -4.54 -9.15 -35.34
CA PHE E 48 -3.60 -8.09 -34.98
C PHE E 48 -4.27 -6.73 -35.20
N SER E 49 -4.40 -5.96 -34.12
CA SER E 49 -4.98 -4.63 -34.19
C SER E 49 -3.94 -3.56 -34.52
N THR E 50 -2.75 -3.65 -33.94
CA THR E 50 -1.65 -2.72 -34.22
C THR E 50 -0.65 -3.44 -35.11
N PHE E 51 -0.49 -2.95 -36.34
CA PHE E 51 0.41 -3.58 -37.32
C PHE E 51 1.00 -2.45 -38.16
N LYS E 52 2.05 -1.82 -37.62
CA LYS E 52 2.68 -0.67 -38.23
C LYS E 52 4.10 -1.00 -38.64
N CYS E 53 4.43 -0.76 -39.90
CA CYS E 53 5.76 -1.03 -40.44
C CYS E 53 6.48 0.28 -40.76
N TYR E 54 7.80 0.23 -40.69
CA TYR E 54 8.63 1.42 -40.85
C TYR E 54 9.76 1.13 -41.83
N GLY E 55 10.00 2.08 -42.74
CA GLY E 55 11.01 1.94 -43.76
C GLY E 55 10.68 0.97 -44.87
N VAL E 56 9.56 0.25 -44.77
CA VAL E 56 9.21 -0.75 -45.77
C VAL E 56 7.70 -0.96 -45.70
N SER E 57 7.10 -1.37 -46.83
CA SER E 57 5.68 -1.63 -46.84
C SER E 57 5.41 -3.09 -46.46
N PRO E 58 4.26 -3.35 -45.82
CA PRO E 58 3.97 -4.73 -45.40
C PRO E 58 3.84 -5.71 -46.56
N THR E 59 3.35 -5.26 -47.70
CA THR E 59 3.14 -6.17 -48.83
C THR E 59 4.46 -6.65 -49.43
N LYS E 60 5.48 -5.79 -49.43
CA LYS E 60 6.74 -6.08 -50.10
C LYS E 60 7.79 -6.70 -49.19
N LEU E 61 7.41 -7.11 -47.98
CA LEU E 61 8.38 -7.78 -47.11
C LEU E 61 8.81 -9.11 -47.70
N ASN E 62 7.86 -9.91 -48.18
CA ASN E 62 8.20 -11.12 -48.91
C ASN E 62 8.87 -10.82 -50.24
N ASP E 63 8.65 -9.62 -50.79
CA ASP E 63 9.31 -9.17 -52.00
C ASP E 63 10.71 -8.63 -51.74
N LEU E 64 11.15 -8.58 -50.49
CA LEU E 64 12.46 -8.07 -50.15
C LEU E 64 13.28 -9.13 -49.44
N CYS E 65 14.54 -8.80 -49.17
CA CYS E 65 15.56 -9.75 -48.78
C CYS E 65 16.40 -9.18 -47.65
N PHE E 66 16.54 -9.94 -46.57
CA PHE E 66 17.31 -9.50 -45.42
C PHE E 66 18.14 -10.64 -44.85
N THR E 67 18.93 -10.33 -43.84
CA THR E 67 19.75 -11.31 -43.14
C THR E 67 19.02 -11.78 -41.89
N ASN E 68 19.63 -11.63 -40.72
CA ASN E 68 18.98 -11.97 -39.47
C ASN E 68 17.71 -11.16 -39.28
N VAL E 69 16.64 -11.84 -38.90
CA VAL E 69 15.37 -11.20 -38.56
C VAL E 69 15.08 -11.54 -37.11
N TYR E 70 15.06 -10.51 -36.25
CA TYR E 70 14.87 -10.70 -34.82
C TYR E 70 13.40 -10.54 -34.47
N ALA E 71 12.84 -11.51 -33.77
CA ALA E 71 11.44 -11.49 -33.36
C ALA E 71 11.39 -11.15 -31.87
N ASP E 72 11.37 -9.87 -31.56
CA ASP E 72 11.29 -9.40 -30.19
C ASP E 72 9.85 -9.50 -29.68
N SER E 73 9.67 -10.11 -28.51
CA SER E 73 8.34 -10.36 -27.98
C SER E 73 8.31 -10.04 -26.49
N PHE E 74 7.26 -9.33 -26.07
CA PHE E 74 7.07 -8.98 -24.67
C PHE E 74 5.61 -8.57 -24.47
N VAL E 75 5.29 -8.18 -23.24
CA VAL E 75 3.93 -7.81 -22.86
C VAL E 75 3.95 -6.43 -22.21
N ILE E 76 3.07 -5.54 -22.67
CA ILE E 76 2.88 -4.22 -22.10
C ILE E 76 1.38 -3.97 -21.97
N ARG E 77 1.03 -2.76 -21.57
CA ARG E 77 -0.36 -2.36 -21.43
C ARG E 77 -0.80 -1.55 -22.65
N GLY E 78 -2.12 -1.41 -22.79
CA GLY E 78 -2.68 -0.82 -24.00
C GLY E 78 -2.22 0.60 -24.26
N ASP E 79 -2.07 1.40 -23.21
CA ASP E 79 -1.62 2.77 -23.38
C ASP E 79 -0.16 2.83 -23.83
N GLU E 80 0.64 1.82 -23.47
CA GLU E 80 2.05 1.78 -23.81
C GLU E 80 2.31 1.21 -25.20
N VAL E 81 1.26 0.84 -25.94
CA VAL E 81 1.44 0.26 -27.27
C VAL E 81 2.03 1.29 -28.23
N ARG E 82 1.52 2.53 -28.19
CA ARG E 82 2.02 3.56 -29.08
C ARG E 82 3.47 3.95 -28.76
N GLN E 83 4.00 3.54 -27.61
CA GLN E 83 5.39 3.82 -27.31
C GLN E 83 6.34 2.96 -28.14
N ILE E 84 5.95 1.71 -28.42
CA ILE E 84 6.77 0.84 -29.26
C ILE E 84 6.80 1.40 -30.67
N ALA E 85 7.61 2.46 -30.86
CA ALA E 85 7.69 3.18 -32.12
C ALA E 85 8.94 4.03 -32.08
N PRO E 86 9.54 4.34 -33.23
CA PRO E 86 10.77 5.14 -33.23
C PRO E 86 10.54 6.54 -32.67
N GLY E 87 11.51 7.02 -31.91
CA GLY E 87 11.48 8.39 -31.42
C GLY E 87 10.42 8.68 -30.37
N GLN E 88 9.91 7.67 -29.69
CA GLN E 88 8.96 7.87 -28.60
C GLN E 88 9.66 7.75 -27.26
N THR E 89 9.03 8.33 -26.23
CA THR E 89 9.57 8.33 -24.88
C THR E 89 8.47 7.97 -23.87
N GLY E 90 8.88 7.74 -22.64
CA GLY E 90 7.99 7.36 -21.57
C GLY E 90 8.65 6.30 -20.70
N LYS E 91 7.82 5.59 -19.94
CA LYS E 91 8.34 4.54 -19.07
C LYS E 91 8.93 3.39 -19.89
N ILE E 92 8.17 2.89 -20.86
CA ILE E 92 8.59 1.71 -21.62
C ILE E 92 9.72 2.07 -22.59
N ALA E 93 9.52 3.11 -23.40
CA ALA E 93 10.49 3.43 -24.44
C ALA E 93 11.84 3.83 -23.88
N ASP E 94 11.87 4.45 -22.71
CA ASP E 94 13.13 4.90 -22.14
C ASP E 94 13.79 3.87 -21.26
N TYR E 95 13.02 3.03 -20.57
CA TYR E 95 13.56 2.18 -19.52
C TYR E 95 13.31 0.69 -19.72
N ASN E 96 12.64 0.28 -20.79
CA ASN E 96 12.34 -1.14 -20.97
C ASN E 96 12.72 -1.65 -22.35
N TYR E 97 12.10 -1.12 -23.40
CA TYR E 97 12.38 -1.55 -24.76
C TYR E 97 12.38 -0.32 -25.66
N LYS E 98 13.52 -0.04 -26.30
CA LYS E 98 13.70 1.16 -27.10
C LYS E 98 13.92 0.78 -28.56
N LEU E 99 13.19 1.44 -29.45
CA LEU E 99 13.38 1.30 -30.89
C LEU E 99 14.17 2.48 -31.42
N PRO E 100 15.07 2.24 -32.38
CA PRO E 100 15.93 3.32 -32.87
C PRO E 100 15.18 4.28 -33.77
N ASP E 101 15.79 5.47 -33.94
CA ASP E 101 15.21 6.48 -34.81
C ASP E 101 15.21 6.03 -36.27
N ASP E 102 16.15 5.16 -36.64
CA ASP E 102 16.25 4.62 -37.99
C ASP E 102 15.81 3.17 -38.04
N PHE E 103 14.73 2.84 -37.31
CA PHE E 103 14.26 1.47 -37.22
C PHE E 103 13.76 0.97 -38.58
N THR E 104 14.08 -0.28 -38.89
CA THR E 104 13.70 -0.93 -40.15
C THR E 104 13.00 -2.24 -39.81
N GLY E 105 11.67 -2.17 -39.67
CA GLY E 105 10.89 -3.35 -39.34
C GLY E 105 9.41 -3.05 -39.17
N CYS E 106 8.73 -3.86 -38.35
CA CYS E 106 7.31 -3.71 -38.13
C CYS E 106 6.99 -3.93 -36.66
N VAL E 107 5.90 -3.31 -36.22
CA VAL E 107 5.43 -3.39 -34.84
C VAL E 107 4.06 -4.05 -34.86
N ILE E 108 3.97 -5.27 -34.33
CA ILE E 108 2.74 -6.04 -34.29
C ILE E 108 2.28 -6.12 -32.85
N ALA E 109 1.00 -5.84 -32.61
CA ALA E 109 0.44 -5.92 -31.27
C ALA E 109 -1.00 -6.37 -31.34
N TRP E 110 -1.46 -7.01 -30.28
CA TRP E 110 -2.84 -7.46 -30.18
C TRP E 110 -3.23 -7.54 -28.72
N ASN E 111 -4.54 -7.45 -28.47
CA ASN E 111 -5.04 -7.52 -27.11
C ASN E 111 -4.91 -8.93 -26.56
N SER E 112 -4.39 -9.05 -25.34
CA SER E 112 -4.21 -10.34 -24.68
C SER E 112 -4.89 -10.36 -23.32
N ASN E 113 -6.02 -9.66 -23.18
CA ASN E 113 -6.74 -9.69 -21.92
C ASN E 113 -7.34 -11.06 -21.64
N ASN E 114 -7.76 -11.77 -22.68
CA ASN E 114 -8.27 -13.12 -22.50
C ASN E 114 -7.18 -14.13 -22.16
N LEU E 115 -5.91 -13.72 -22.21
CA LEU E 115 -4.79 -14.63 -22.00
C LEU E 115 -3.99 -14.30 -20.74
N ASP E 116 -3.57 -13.05 -20.58
CA ASP E 116 -2.61 -12.66 -19.56
C ASP E 116 -3.26 -12.03 -18.33
N SER E 117 -4.59 -11.99 -18.27
CA SER E 117 -5.28 -11.42 -17.13
CA SER E 117 -5.29 -11.42 -17.13
C SER E 117 -5.87 -12.53 -16.27
N LYS E 118 -5.88 -12.30 -14.96
CA LYS E 118 -6.39 -13.26 -13.99
C LYS E 118 -7.27 -12.53 -12.99
N VAL E 119 -8.31 -13.22 -12.53
CA VAL E 119 -9.21 -12.65 -11.53
C VAL E 119 -8.43 -12.40 -10.25
N GLY E 120 -8.32 -11.13 -9.86
CA GLY E 120 -7.54 -10.73 -8.72
C GLY E 120 -6.18 -10.15 -9.06
N GLY E 121 -5.87 -9.96 -10.34
CA GLY E 121 -4.59 -9.46 -10.77
C GLY E 121 -3.69 -10.57 -11.28
N ASN E 122 -2.63 -10.15 -11.98
CA ASN E 122 -1.63 -11.08 -12.51
C ASN E 122 -0.28 -10.39 -12.42
N TYR E 123 0.46 -10.69 -11.34
CA TYR E 123 1.79 -10.13 -11.10
C TYR E 123 2.71 -10.41 -12.27
N ASN E 124 3.31 -11.60 -12.30
CA ASN E 124 4.11 -12.12 -13.41
C ASN E 124 4.79 -11.06 -14.26
N TYR E 125 4.04 -10.46 -15.19
CA TYR E 125 4.60 -9.49 -16.12
C TYR E 125 5.00 -8.22 -15.39
N ARG E 126 6.26 -7.84 -15.53
CA ARG E 126 6.81 -6.68 -14.84
C ARG E 126 7.47 -5.73 -15.84
N TYR E 127 7.86 -4.57 -15.34
CA TYR E 127 8.47 -3.53 -16.16
C TYR E 127 9.42 -2.73 -15.29
N ARG E 128 10.46 -2.19 -15.93
CA ARG E 128 11.42 -1.35 -15.22
C ARG E 128 10.83 0.04 -15.03
N LEU E 129 10.70 0.46 -13.78
CA LEU E 129 10.11 1.75 -13.43
C LEU E 129 10.98 2.90 -13.91
N PHE E 130 12.17 3.04 -13.32
CA PHE E 130 13.06 4.17 -13.51
C PHE E 130 14.42 3.67 -13.96
N ARG E 131 15.29 4.61 -14.32
CA ARG E 131 16.66 4.31 -14.71
C ARG E 131 17.44 5.61 -14.74
N LYS E 132 18.74 5.53 -14.44
CA LYS E 132 19.57 6.72 -14.41
C LYS E 132 19.61 7.42 -15.75
N SER E 133 19.53 6.67 -16.84
CA SER E 133 19.50 7.24 -18.18
C SER E 133 18.63 6.37 -19.07
N ASN E 134 18.23 6.94 -20.20
CA ASN E 134 17.38 6.22 -21.13
C ASN E 134 18.15 5.08 -21.79
N LEU E 135 17.42 4.01 -22.12
CA LEU E 135 18.04 2.83 -22.70
C LEU E 135 18.53 3.11 -24.12
N LYS E 136 19.65 2.47 -24.46
CA LYS E 136 20.09 2.42 -25.84
C LYS E 136 19.09 1.60 -26.65
N PRO E 137 19.04 1.80 -27.97
CA PRO E 137 18.15 0.98 -28.80
C PRO E 137 18.50 -0.50 -28.68
N PHE E 138 17.46 -1.33 -28.56
CA PHE E 138 17.58 -2.78 -28.45
C PHE E 138 18.38 -3.22 -27.24
N GLU E 139 18.42 -2.40 -26.19
CA GLU E 139 19.11 -2.76 -24.96
C GLU E 139 18.14 -3.43 -24.00
N ARG E 140 18.62 -4.47 -23.34
CA ARG E 140 17.83 -5.24 -22.37
C ARG E 140 18.48 -5.09 -21.00
N ASP E 141 17.84 -4.35 -20.12
CA ASP E 141 18.30 -4.19 -18.74
C ASP E 141 17.46 -5.10 -17.85
N ILE E 142 18.13 -5.99 -17.11
CA ILE E 142 17.44 -6.95 -16.27
C ILE E 142 18.00 -6.89 -14.86
N SER E 143 18.63 -5.78 -14.53
CA SER E 143 19.22 -5.61 -13.20
C SER E 143 18.11 -5.45 -12.16
N THR E 144 18.18 -6.26 -11.11
CA THR E 144 17.22 -6.21 -10.01
C THR E 144 17.80 -5.51 -8.78
N GLU E 145 18.78 -4.65 -8.97
CA GLU E 145 19.43 -3.97 -7.85
C GLU E 145 18.56 -2.82 -7.36
N ILE E 146 18.51 -2.66 -6.03
CA ILE E 146 17.68 -1.61 -5.43
C ILE E 146 18.18 -0.25 -5.88
N TYR E 147 17.25 0.60 -6.31
CA TYR E 147 17.60 1.94 -6.76
C TYR E 147 17.87 2.85 -5.57
N GLN E 148 18.98 3.57 -5.62
CA GLN E 148 19.35 4.51 -4.56
C GLN E 148 18.88 5.90 -4.96
N ALA E 149 17.70 6.28 -4.47
CA ALA E 149 17.12 7.58 -4.79
C ALA E 149 17.68 8.72 -3.95
N GLY E 150 18.25 8.41 -2.79
CA GLY E 150 18.81 9.44 -1.94
C GLY E 150 20.31 9.33 -1.80
N SER E 151 20.86 10.00 -0.80
CA SER E 151 22.30 9.98 -0.56
C SER E 151 22.73 8.81 0.32
N LYS E 152 21.79 8.10 0.93
CA LYS E 152 22.25 7.02 1.79
C LYS E 152 22.20 5.68 1.06
N PRO E 153 23.26 4.88 1.18
CA PRO E 153 23.28 3.58 0.50
C PRO E 153 22.17 2.67 1.00
N CYS E 154 21.75 1.76 0.12
CA CYS E 154 20.62 0.90 0.41
C CYS E 154 21.03 -0.46 0.97
N ASN E 155 22.22 -0.94 0.63
CA ASN E 155 22.68 -2.27 1.03
C ASN E 155 21.68 -3.35 0.60
N GLY E 156 21.08 -3.15 -0.58
CA GLY E 156 20.10 -4.09 -1.08
C GLY E 156 18.81 -4.15 -0.30
N VAL E 157 18.54 -3.18 0.57
CA VAL E 157 17.36 -3.18 1.41
C VAL E 157 16.32 -2.26 0.78
N GLU E 158 15.06 -2.72 0.77
CA GLU E 158 13.95 -1.87 0.39
C GLU E 158 13.58 -0.95 1.55
N GLY E 159 13.41 0.33 1.26
CA GLY E 159 13.11 1.30 2.29
C GLY E 159 13.06 2.69 1.71
N PHE E 160 13.22 3.68 2.59
CA PHE E 160 13.15 5.07 2.16
C PHE E 160 14.26 5.36 1.15
N ASN E 161 13.88 5.93 0.01
CA ASN E 161 14.82 6.23 -1.07
C ASN E 161 15.53 4.96 -1.56
N CYS E 162 14.90 3.80 -1.33
CA CYS E 162 15.45 2.50 -1.73
C CYS E 162 14.29 1.65 -2.24
N TYR E 163 14.07 1.70 -3.55
CA TYR E 163 12.92 1.07 -4.18
C TYR E 163 13.36 -0.08 -5.07
N PHE E 164 12.53 -1.12 -5.13
CA PHE E 164 12.78 -2.21 -6.05
C PHE E 164 12.53 -1.72 -7.47
N PRO E 165 13.48 -1.93 -8.39
CA PRO E 165 13.37 -1.30 -9.72
C PRO E 165 12.27 -1.86 -10.61
N LEU E 166 11.59 -2.92 -10.21
CA LEU E 166 10.57 -3.57 -11.04
C LEU E 166 9.23 -3.55 -10.33
N GLN E 167 8.19 -3.15 -11.06
CA GLN E 167 6.81 -3.25 -10.60
C GLN E 167 6.05 -4.22 -11.49
N SER E 168 5.13 -4.96 -10.87
CA SER E 168 4.32 -5.94 -11.58
C SER E 168 3.06 -5.28 -12.12
N TYR E 169 2.70 -5.63 -13.35
CA TYR E 169 1.44 -5.19 -13.92
C TYR E 169 0.28 -5.81 -13.15
N GLY E 170 -0.77 -5.01 -12.93
CA GLY E 170 -1.95 -5.50 -12.25
C GLY E 170 -3.04 -5.89 -13.23
N PHE E 171 -2.85 -7.00 -13.93
CA PHE E 171 -3.72 -7.40 -15.03
C PHE E 171 -4.98 -8.07 -14.49
N GLN E 172 -6.09 -7.35 -14.53
CA GLN E 172 -7.42 -7.87 -14.21
C GLN E 172 -8.32 -7.78 -15.44
N PRO E 173 -9.29 -8.68 -15.58
CA PRO E 173 -10.23 -8.57 -16.69
C PRO E 173 -11.14 -7.35 -16.61
N THR E 174 -11.45 -6.89 -15.40
CA THR E 174 -12.33 -5.74 -15.21
C THR E 174 -11.63 -4.40 -15.39
N ASN E 175 -10.34 -4.41 -15.73
CA ASN E 175 -9.61 -3.17 -15.95
C ASN E 175 -10.03 -2.52 -17.27
N GLY E 176 -9.79 -1.22 -17.37
CA GLY E 176 -10.02 -0.53 -18.63
C GLY E 176 -9.10 -1.02 -19.73
N VAL E 177 -9.55 -0.83 -20.96
CA VAL E 177 -8.82 -1.36 -22.11
C VAL E 177 -7.44 -0.71 -22.23
N GLY E 178 -7.30 0.52 -21.72
CA GLY E 178 -6.01 1.18 -21.73
C GLY E 178 -4.98 0.55 -20.81
N TYR E 179 -5.44 -0.21 -19.81
CA TYR E 179 -4.56 -0.88 -18.86
C TYR E 179 -4.53 -2.39 -19.06
N GLN E 180 -5.12 -2.90 -20.13
CA GLN E 180 -5.18 -4.33 -20.37
C GLN E 180 -3.89 -4.82 -21.04
N PRO E 181 -3.55 -6.09 -20.85
CA PRO E 181 -2.29 -6.60 -21.42
C PRO E 181 -2.33 -6.65 -22.94
N TYR E 182 -1.19 -6.32 -23.56
CA TYR E 182 -1.02 -6.36 -25.00
C TYR E 182 0.27 -7.09 -25.32
N ARG E 183 0.17 -8.20 -26.05
CA ARG E 183 1.35 -8.92 -26.49
C ARG E 183 1.88 -8.30 -27.78
N VAL E 184 3.15 -7.92 -27.76
CA VAL E 184 3.78 -7.20 -28.85
C VAL E 184 4.89 -8.04 -29.45
N VAL E 185 4.98 -8.04 -30.78
CA VAL E 185 6.05 -8.72 -31.51
C VAL E 185 6.69 -7.69 -32.43
N VAL E 186 7.97 -7.42 -32.20
CA VAL E 186 8.73 -6.45 -32.99
C VAL E 186 9.63 -7.24 -33.94
N LEU E 187 9.35 -7.13 -35.24
CA LEU E 187 10.15 -7.78 -36.26
C LEU E 187 11.21 -6.80 -36.74
N SER E 188 12.48 -7.10 -36.44
CA SER E 188 13.60 -6.29 -36.89
C SER E 188 14.50 -7.16 -37.76
N PHE E 189 14.77 -6.69 -38.97
CA PHE E 189 15.58 -7.43 -39.93
C PHE E 189 16.48 -6.47 -40.70
N GLU E 190 17.64 -6.97 -41.09
CA GLU E 190 18.66 -6.18 -41.77
C GLU E 190 18.72 -6.61 -43.23
N LEU E 191 18.20 -5.76 -44.11
CA LEU E 191 18.15 -6.08 -45.54
C LEU E 191 19.57 -6.20 -46.12
N LEU E 192 19.65 -6.82 -47.28
CA LEU E 192 20.92 -6.97 -47.97
C LEU E 192 21.31 -5.64 -48.63
N HIS E 193 22.40 -5.66 -49.38
CA HIS E 193 22.93 -4.46 -50.00
C HIS E 193 23.37 -4.77 -51.43
N ALA E 194 22.44 -5.29 -52.21
CA ALA E 194 22.69 -5.64 -53.60
C ALA E 194 22.38 -4.46 -54.51
N PRO E 195 22.80 -4.52 -55.77
CA PRO E 195 22.31 -3.54 -56.75
C PRO E 195 20.80 -3.56 -56.82
N ALA E 196 20.22 -2.41 -57.14
CA ALA E 196 18.77 -2.27 -57.23
C ALA E 196 18.23 -3.03 -58.44
N THR E 197 18.49 -4.33 -58.49
CA THR E 197 18.01 -5.21 -59.56
C THR E 197 17.56 -6.53 -58.96
N VAL E 198 18.42 -7.10 -58.12
CA VAL E 198 18.12 -8.39 -57.49
C VAL E 198 16.93 -8.27 -56.56
N CYS E 199 17.06 -7.46 -55.51
CA CYS E 199 15.98 -7.21 -54.57
C CYS E 199 15.37 -5.83 -54.70
N GLY E 200 16.16 -4.84 -55.11
CA GLY E 200 15.65 -3.50 -55.36
C GLY E 200 15.15 -3.36 -56.78
N THR F 7 43.67 7.12 28.85
CA THR F 7 42.35 7.01 28.23
C THR F 7 41.31 7.72 29.09
N ASN F 8 40.10 7.18 29.12
CA ASN F 8 39.01 7.85 29.83
C ASN F 8 37.91 6.82 30.11
N LEU F 9 36.65 7.26 30.12
CA LEU F 9 35.53 6.35 30.22
C LEU F 9 35.42 5.52 28.94
N CYS F 10 34.56 4.50 28.98
CA CYS F 10 34.38 3.75 27.75
C CYS F 10 32.95 3.81 27.25
N PRO F 11 32.76 3.97 25.93
CA PRO F 11 31.47 4.41 25.37
C PRO F 11 30.46 3.29 25.15
N PHE F 12 30.15 2.56 26.21
CA PHE F 12 29.09 1.56 26.12
C PHE F 12 27.73 2.20 25.88
N GLY F 13 27.61 3.51 26.10
CA GLY F 13 26.37 4.21 25.79
C GLY F 13 26.11 4.36 24.30
N GLU F 14 27.15 4.26 23.48
CA GLU F 14 26.98 4.36 22.04
C GLU F 14 26.33 3.11 21.44
N VAL F 15 26.39 1.98 22.14
CA VAL F 15 25.91 0.71 21.58
C VAL F 15 24.54 0.37 22.16
N PHE F 16 24.44 0.30 23.50
CA PHE F 16 23.17 -0.06 24.12
C PHE F 16 22.11 1.03 23.90
N ASN F 17 22.52 2.30 23.85
CA ASN F 17 21.59 3.41 23.74
C ASN F 17 21.48 3.94 22.31
N ALA F 18 21.78 3.11 21.30
CA ALA F 18 21.65 3.56 19.92
C ALA F 18 20.18 3.79 19.58
N THR F 19 19.93 4.79 18.74
CA THR F 19 18.54 5.15 18.43
C THR F 19 17.90 4.11 17.52
N ARG F 20 18.69 3.53 16.61
CA ARG F 20 18.22 2.50 15.70
C ARG F 20 19.24 1.38 15.64
N PHE F 21 18.77 0.15 15.84
CA PHE F 21 19.59 -1.05 15.73
C PHE F 21 19.56 -1.57 14.30
N ALA F 22 20.47 -2.49 14.01
CA ALA F 22 20.53 -3.14 12.70
C ALA F 22 19.71 -4.43 12.71
N SER F 23 19.32 -4.86 11.52
CA SER F 23 18.66 -6.15 11.40
C SER F 23 19.66 -7.27 11.67
N VAL F 24 19.13 -8.43 12.06
CA VAL F 24 19.97 -9.50 12.58
C VAL F 24 20.86 -10.08 11.47
N TYR F 25 20.32 -10.21 10.26
CA TYR F 25 21.12 -10.74 9.16
C TYR F 25 22.29 -9.83 8.83
N ALA F 26 22.12 -8.52 8.99
CA ALA F 26 23.19 -7.55 8.80
C ALA F 26 23.60 -6.99 10.14
N TRP F 27 23.97 -7.87 11.07
CA TRP F 27 24.24 -7.46 12.44
C TRP F 27 25.44 -6.52 12.51
N ASN F 28 25.29 -5.43 13.26
CA ASN F 28 26.37 -4.47 13.43
C ASN F 28 27.38 -5.01 14.44
N ARG F 29 28.66 -4.77 14.14
CA ARG F 29 29.76 -5.14 15.02
C ARG F 29 30.57 -3.89 15.34
N LYS F 30 30.79 -3.64 16.62
CA LYS F 30 31.52 -2.45 17.06
C LYS F 30 32.83 -2.89 17.68
N ARG F 31 33.93 -2.60 17.00
CA ARG F 31 35.28 -2.95 17.43
C ARG F 31 35.78 -1.82 18.33
N ILE F 32 35.47 -1.93 19.62
CA ILE F 32 35.87 -0.91 20.60
C ILE F 32 37.22 -1.29 21.18
N SER F 33 37.98 -0.26 21.56
CA SER F 33 39.34 -0.46 22.07
C SER F 33 39.87 0.81 22.73
N ASN F 34 39.11 1.41 23.64
CA ASN F 34 39.61 2.57 24.36
C ASN F 34 39.99 2.23 25.80
N CYS F 35 39.19 1.44 26.50
CA CYS F 35 39.50 1.06 27.88
C CYS F 35 38.63 -0.11 28.28
N VAL F 36 38.58 -0.38 29.58
CA VAL F 36 37.64 -1.31 30.18
C VAL F 36 36.69 -0.50 31.04
N ALA F 37 35.39 -0.64 30.80
CA ALA F 37 34.39 -0.09 31.68
C ALA F 37 34.06 -1.10 32.77
N ASP F 38 33.40 -0.63 33.81
CA ASP F 38 33.01 -1.50 34.92
C ASP F 38 31.91 -2.43 34.44
N TYR F 39 32.28 -3.64 34.05
CA TYR F 39 31.30 -4.64 33.63
C TYR F 39 30.41 -5.08 34.78
N SER F 40 30.88 -4.95 36.02
CA SER F 40 30.04 -5.20 37.18
C SER F 40 28.94 -4.17 37.33
N VAL F 41 28.99 -3.07 36.57
CA VAL F 41 27.93 -2.07 36.57
C VAL F 41 26.79 -2.47 35.63
N LEU F 42 27.12 -2.93 34.42
CA LEU F 42 26.09 -3.33 33.46
C LEU F 42 25.36 -4.59 33.90
N TYR F 43 25.97 -5.41 34.76
CA TYR F 43 25.35 -6.67 35.15
C TYR F 43 24.14 -6.44 36.03
N ASN F 44 24.31 -5.71 37.14
CA ASN F 44 23.22 -5.49 38.09
C ASN F 44 22.15 -4.54 37.56
N SER F 45 22.26 -4.09 36.31
CA SER F 45 21.25 -3.21 35.74
C SER F 45 19.99 -3.99 35.43
N ALA F 46 18.87 -3.55 36.00
CA ALA F 46 17.59 -4.23 35.80
C ALA F 46 17.02 -4.03 34.39
N SER F 47 17.62 -3.14 33.60
CA SER F 47 17.14 -2.93 32.23
C SER F 47 17.40 -4.16 31.36
N PHE F 48 18.49 -4.87 31.59
CA PHE F 48 18.84 -6.05 30.81
C PHE F 48 18.26 -7.29 31.48
N SER F 49 17.34 -7.96 30.79
CA SER F 49 16.76 -9.22 31.25
C SER F 49 17.68 -10.40 30.97
N THR F 50 18.12 -10.55 29.73
CA THR F 50 19.05 -11.63 29.36
C THR F 50 20.47 -11.10 29.51
N PHE F 51 21.22 -11.70 30.44
CA PHE F 51 22.63 -11.36 30.67
C PHE F 51 23.35 -12.66 31.01
N LYS F 52 23.78 -13.38 29.98
CA LYS F 52 24.42 -14.68 30.13
C LYS F 52 25.82 -14.60 29.55
N CYS F 53 26.82 -14.93 30.38
CA CYS F 53 28.21 -14.91 29.97
C CYS F 53 28.74 -16.34 29.86
N TYR F 54 29.78 -16.51 29.05
CA TYR F 54 30.31 -17.82 28.74
C TYR F 54 31.83 -17.80 28.87
N GLY F 55 32.37 -18.85 29.50
CA GLY F 55 33.80 -18.96 29.72
C GLY F 55 34.37 -18.01 30.75
N VAL F 56 33.53 -17.20 31.39
CA VAL F 56 34.00 -16.20 32.35
C VAL F 56 32.81 -15.75 33.18
N SER F 57 33.09 -15.29 34.43
CA SER F 57 32.02 -14.76 35.26
C SER F 57 31.83 -13.26 35.01
N PRO F 58 30.59 -12.79 35.05
CA PRO F 58 30.36 -11.36 34.77
C PRO F 58 31.05 -10.43 35.76
N THR F 59 31.29 -10.87 36.99
CA THR F 59 31.91 -10.00 37.98
C THR F 59 33.39 -9.78 37.66
N LYS F 60 34.07 -10.82 37.18
CA LYS F 60 35.52 -10.77 36.96
C LYS F 60 35.89 -10.26 35.57
N LEU F 61 34.95 -9.69 34.82
CA LEU F 61 35.29 -9.15 33.51
C LEU F 61 36.24 -7.96 33.64
N ASN F 62 35.95 -7.04 34.55
CA ASN F 62 36.87 -5.94 34.81
C ASN F 62 38.13 -6.41 35.52
N ASP F 63 38.10 -7.58 36.16
CA ASP F 63 39.28 -8.18 36.76
C ASP F 63 40.14 -8.92 35.75
N LEU F 64 39.69 -9.05 34.50
CA LEU F 64 40.43 -9.74 33.48
C LEU F 64 40.86 -8.76 32.39
N CYS F 65 41.60 -9.28 31.42
CA CYS F 65 42.30 -8.46 30.44
C CYS F 65 42.16 -9.09 29.06
N PHE F 66 41.79 -8.28 28.07
CA PHE F 66 41.64 -8.78 26.71
C PHE F 66 42.09 -7.73 25.71
N THR F 67 42.12 -8.13 24.44
CA THR F 67 42.48 -7.25 23.34
C THR F 67 41.24 -6.60 22.76
N ASN F 68 41.02 -6.77 21.46
CA ASN F 68 39.82 -6.26 20.82
C ASN F 68 38.58 -6.90 21.42
N VAL F 69 37.60 -6.06 21.75
CA VAL F 69 36.30 -6.51 22.24
C VAL F 69 35.25 -6.06 21.23
N TYR F 70 34.51 -7.02 20.68
CA TYR F 70 33.53 -6.75 19.65
C TYR F 70 32.14 -6.69 20.27
N ALA F 71 31.43 -5.59 20.02
CA ALA F 71 30.07 -5.40 20.53
C ALA F 71 29.10 -5.60 19.37
N ASP F 72 28.67 -6.85 19.19
CA ASP F 72 27.73 -7.18 18.13
C ASP F 72 26.32 -6.81 18.57
N SER F 73 25.59 -6.12 17.70
CA SER F 73 24.26 -5.62 18.03
C SER F 73 23.33 -5.85 16.86
N PHE F 74 22.09 -6.21 17.16
CA PHE F 74 21.05 -6.46 16.16
C PHE F 74 19.71 -6.56 16.90
N VAL F 75 18.65 -6.88 16.16
CA VAL F 75 17.31 -6.99 16.71
C VAL F 75 16.71 -8.32 16.27
N ILE F 76 16.19 -9.08 17.23
CA ILE F 76 15.49 -10.33 16.99
C ILE F 76 14.21 -10.33 17.81
N ARG F 77 13.39 -11.37 17.65
CA ARG F 77 12.19 -11.51 18.45
C ARG F 77 12.48 -12.34 19.70
N GLY F 78 11.54 -12.30 20.64
CA GLY F 78 11.78 -12.89 21.96
C GLY F 78 12.09 -14.37 21.91
N ASP F 79 11.37 -15.11 21.07
CA ASP F 79 11.60 -16.55 20.97
C ASP F 79 12.98 -16.87 20.41
N GLU F 80 13.57 -15.95 19.67
CA GLU F 80 14.88 -16.15 19.07
C GLU F 80 16.03 -15.71 19.97
N VAL F 81 15.73 -15.18 21.16
CA VAL F 81 16.78 -14.69 22.04
C VAL F 81 17.61 -15.86 22.59
N ARG F 82 16.95 -16.98 22.91
CA ARG F 82 17.69 -18.13 23.42
C ARG F 82 18.59 -18.76 22.36
N GLN F 83 18.38 -18.42 21.08
CA GLN F 83 19.25 -18.95 20.04
C GLN F 83 20.62 -18.30 20.05
N ILE F 84 20.71 -17.03 20.44
CA ILE F 84 21.99 -16.34 20.54
C ILE F 84 22.78 -16.97 21.68
N ALA F 85 23.39 -18.12 21.40
CA ALA F 85 24.08 -18.92 22.40
C ALA F 85 24.91 -19.97 21.67
N PRO F 86 25.98 -20.46 22.29
CA PRO F 86 26.82 -21.46 21.62
C PRO F 86 26.05 -22.74 21.34
N GLY F 87 26.28 -23.30 20.16
CA GLY F 87 25.74 -24.60 19.80
C GLY F 87 24.25 -24.67 19.63
N GLN F 88 23.57 -23.53 19.44
CA GLN F 88 22.15 -23.50 19.19
C GLN F 88 21.88 -23.45 17.69
N THR F 89 20.65 -23.84 17.32
CA THR F 89 20.26 -23.92 15.92
C THR F 89 18.85 -23.35 15.75
N GLY F 90 18.46 -23.13 14.50
CA GLY F 90 17.18 -22.55 14.16
C GLY F 90 17.34 -21.57 13.03
N LYS F 91 16.34 -20.69 12.87
CA LYS F 91 16.40 -19.69 11.83
C LYS F 91 17.56 -18.72 12.06
N ILE F 92 17.70 -18.22 13.27
CA ILE F 92 18.67 -17.16 13.55
C ILE F 92 20.08 -17.71 13.65
N ALA F 93 20.27 -18.73 14.51
CA ALA F 93 21.62 -19.21 14.78
C ALA F 93 22.28 -19.80 13.55
N ASP F 94 21.50 -20.36 12.64
CA ASP F 94 22.09 -21.02 11.48
C ASP F 94 22.27 -20.08 10.29
N TYR F 95 21.40 -19.09 10.13
CA TYR F 95 21.35 -18.30 8.91
C TYR F 95 21.55 -16.81 9.11
N ASN F 96 21.59 -16.31 10.35
CA ASN F 96 21.70 -14.88 10.58
C ASN F 96 22.92 -14.53 11.44
N TYR F 97 22.98 -15.02 12.68
CA TYR F 97 24.09 -14.73 13.57
C TYR F 97 24.42 -16.00 14.35
N LYS F 98 25.62 -16.52 14.15
CA LYS F 98 26.04 -17.77 14.78
C LYS F 98 27.13 -17.49 15.80
N LEU F 99 26.97 -18.05 16.99
CA LEU F 99 28.02 -18.00 18.00
C LEU F 99 28.77 -19.32 18.05
N PRO F 100 30.09 -19.29 18.24
CA PRO F 100 30.89 -20.52 18.16
C PRO F 100 30.66 -21.42 19.36
N ASP F 101 31.04 -22.69 19.19
CA ASP F 101 30.93 -23.67 20.27
C ASP F 101 31.88 -23.35 21.41
N ASP F 102 32.93 -22.57 21.17
CA ASP F 102 33.89 -22.18 22.18
C ASP F 102 33.86 -20.66 22.38
N PHE F 103 32.65 -20.11 22.48
CA PHE F 103 32.49 -18.66 22.61
C PHE F 103 33.01 -18.18 23.95
N THR F 104 33.63 -17.00 23.95
CA THR F 104 34.20 -16.37 25.14
C THR F 104 33.65 -14.94 25.21
N GLY F 105 32.55 -14.76 25.91
CA GLY F 105 31.97 -13.43 26.04
C GLY F 105 30.62 -13.50 26.73
N CYS F 106 29.83 -12.45 26.54
CA CYS F 106 28.52 -12.31 27.17
C CYS F 106 27.47 -11.99 26.12
N VAL F 107 26.23 -12.39 26.40
CA VAL F 107 25.08 -12.13 25.55
C VAL F 107 24.11 -11.26 26.34
N ILE F 108 23.87 -10.04 25.86
CA ILE F 108 23.01 -9.08 26.54
C ILE F 108 21.84 -8.74 25.63
N ALA F 109 20.63 -8.90 26.14
CA ALA F 109 19.43 -8.63 25.37
C ALA F 109 18.38 -7.99 26.28
N TRP F 110 17.47 -7.24 25.66
CA TRP F 110 16.38 -6.60 26.38
C TRP F 110 15.22 -6.38 25.43
N ASN F 111 14.01 -6.39 25.99
CA ASN F 111 12.82 -6.12 25.20
C ASN F 111 12.86 -4.69 24.66
N SER F 112 12.47 -4.53 23.40
CA SER F 112 12.45 -3.22 22.76
C SER F 112 11.11 -2.94 22.12
N ASN F 113 10.03 -3.47 22.71
CA ASN F 113 8.69 -3.22 22.18
C ASN F 113 8.34 -1.74 22.24
N ASN F 114 8.78 -1.05 23.30
CA ASN F 114 8.55 0.39 23.42
C ASN F 114 9.41 1.21 22.48
N LEU F 115 10.28 0.58 21.70
CA LEU F 115 11.22 1.28 20.85
C LEU F 115 11.08 0.93 19.38
N ASP F 116 10.96 -0.36 19.05
CA ASP F 116 11.05 -0.82 17.67
C ASP F 116 9.72 -1.30 17.10
N SER F 117 8.62 -1.13 17.83
CA SER F 117 7.30 -1.52 17.37
CA SER F 117 7.30 -1.52 17.36
C SER F 117 6.50 -0.27 16.98
N LYS F 118 5.68 -0.40 15.95
CA LYS F 118 4.87 0.71 15.47
C LYS F 118 3.46 0.20 15.18
N VAL F 119 2.46 1.03 15.48
CA VAL F 119 1.08 0.67 15.19
C VAL F 119 0.94 0.46 13.69
N GLY F 120 0.45 -0.72 13.30
CA GLY F 120 0.41 -1.13 11.91
C GLY F 120 1.57 -1.99 11.49
N GLY F 121 2.52 -2.26 12.38
CA GLY F 121 3.68 -3.06 12.06
C GLY F 121 4.94 -2.22 11.97
N ASN F 122 6.07 -2.93 11.86
CA ASN F 122 7.37 -2.27 11.71
C ASN F 122 8.23 -3.18 10.83
N TYR F 123 8.17 -2.94 9.51
CA TYR F 123 8.92 -3.71 8.53
C TYR F 123 10.41 -3.70 8.88
N ASN F 124 11.09 -2.61 8.53
CA ASN F 124 12.49 -2.31 8.87
C ASN F 124 13.33 -3.52 9.22
N TYR F 125 13.22 -4.00 10.45
CA TYR F 125 14.04 -5.10 10.93
C TYR F 125 13.66 -6.39 10.21
N ARG F 126 14.63 -6.96 9.49
CA ARG F 126 14.44 -8.17 8.72
C ARG F 126 15.38 -9.26 9.24
N TYR F 127 15.30 -10.42 8.60
CA TYR F 127 16.10 -11.58 8.98
C TYR F 127 16.18 -12.51 7.78
N ARG F 128 17.29 -13.23 7.69
CA ARG F 128 17.48 -14.17 6.60
C ARG F 128 16.63 -15.41 6.83
N LEU F 129 15.76 -15.73 5.88
CA LEU F 129 14.88 -16.89 5.98
C LEU F 129 15.68 -18.19 5.94
N PHE F 130 16.19 -18.50 4.76
CA PHE F 130 16.83 -19.77 4.46
C PHE F 130 18.25 -19.53 3.95
N ARG F 131 19.00 -20.61 3.79
CA ARG F 131 20.35 -20.57 3.24
C ARG F 131 20.75 -21.97 2.84
N LYS F 132 21.66 -22.07 1.87
CA LYS F 132 22.11 -23.38 1.42
C LYS F 132 22.82 -24.15 2.52
N SER F 133 23.53 -23.45 3.40
CA SER F 133 24.23 -24.09 4.50
C SER F 133 24.20 -23.17 5.71
N ASN F 134 24.43 -23.76 6.88
CA ASN F 134 24.48 -22.98 8.11
C ASN F 134 25.67 -22.03 8.08
N LEU F 135 25.50 -20.89 8.75
CA LEU F 135 26.56 -19.89 8.77
C LEU F 135 27.76 -20.35 9.58
N LYS F 136 28.94 -19.91 9.15
CA LYS F 136 30.12 -20.03 9.99
C LYS F 136 29.96 -19.13 11.20
N PRO F 137 30.71 -19.39 12.28
CA PRO F 137 30.66 -18.50 13.44
C PRO F 137 31.07 -17.08 13.07
N PHE F 138 30.27 -16.12 13.51
CA PHE F 138 30.52 -14.69 13.30
C PHE F 138 30.51 -14.28 11.83
N GLU F 139 29.85 -15.06 10.98
CA GLU F 139 29.75 -14.73 9.56
C GLU F 139 28.54 -13.86 9.31
N ARG F 140 28.71 -12.86 8.44
CA ARG F 140 27.65 -11.93 8.09
C ARG F 140 27.30 -12.13 6.62
N ASP F 141 26.07 -12.58 6.36
CA ASP F 141 25.57 -12.78 5.01
C ASP F 141 24.52 -11.71 4.73
N ILE F 142 24.77 -10.87 3.73
CA ILE F 142 23.88 -9.78 3.36
C ILE F 142 23.44 -9.89 1.90
N SER F 143 23.52 -11.08 1.33
CA SER F 143 23.12 -11.28 -0.07
C SER F 143 21.60 -11.20 -0.19
N THR F 144 21.13 -10.37 -1.13
CA THR F 144 19.70 -10.23 -1.40
C THR F 144 19.29 -10.94 -2.67
N GLU F 145 20.07 -11.93 -3.11
CA GLU F 145 19.76 -12.63 -4.35
C GLU F 145 18.57 -13.56 -4.16
N ILE F 146 17.71 -13.62 -5.18
CA ILE F 146 16.51 -14.44 -5.11
C ILE F 146 16.90 -15.90 -5.03
N TYR F 147 16.34 -16.61 -4.04
CA TYR F 147 16.67 -18.02 -3.83
C TYR F 147 16.00 -18.88 -4.90
N GLN F 148 16.80 -19.74 -5.52
CA GLN F 148 16.31 -20.67 -6.54
C GLN F 148 15.93 -21.97 -5.85
N ALA F 149 14.65 -22.12 -5.54
CA ALA F 149 14.15 -23.31 -4.86
C ALA F 149 13.83 -24.46 -5.79
N GLY F 150 13.79 -24.20 -7.10
CA GLY F 150 13.50 -25.26 -8.05
C GLY F 150 14.61 -25.41 -9.08
N SER F 151 14.35 -26.21 -10.10
CA SER F 151 15.33 -26.41 -11.16
C SER F 151 15.34 -25.28 -12.18
N LYS F 152 14.33 -24.41 -12.17
CA LYS F 152 14.35 -23.36 -13.17
C LYS F 152 14.98 -22.09 -12.61
N PRO F 153 15.79 -21.40 -13.40
CA PRO F 153 16.42 -20.15 -12.94
C PRO F 153 15.38 -19.06 -12.74
N CYS F 154 15.73 -18.10 -11.89
CA CYS F 154 14.82 -17.04 -11.49
C CYS F 154 15.09 -15.72 -12.21
N ASN F 155 16.34 -15.46 -12.59
CA ASN F 155 16.73 -14.20 -13.23
C ASN F 155 16.41 -13.00 -12.33
N GLY F 156 16.63 -13.18 -11.03
CA GLY F 156 16.34 -12.13 -10.07
C GLY F 156 14.87 -11.81 -9.90
N VAL F 157 13.98 -12.61 -10.47
CA VAL F 157 12.55 -12.37 -10.41
C VAL F 157 11.96 -13.15 -9.24
N GLU F 158 11.03 -12.52 -8.53
CA GLU F 158 10.26 -13.23 -7.50
C GLU F 158 9.12 -13.99 -8.14
N GLY F 159 8.95 -15.24 -7.73
CA GLY F 159 7.94 -16.09 -8.33
C GLY F 159 8.05 -17.50 -7.80
N PHE F 160 7.48 -18.44 -8.54
CA PHE F 160 7.47 -19.83 -8.11
C PHE F 160 8.89 -20.34 -7.96
N ASN F 161 9.18 -20.91 -6.79
CA ASN F 161 10.53 -21.40 -6.48
C ASN F 161 11.54 -20.25 -6.55
N CYS F 162 11.05 -19.01 -6.38
CA CYS F 162 11.87 -17.80 -6.48
C CYS F 162 11.37 -16.81 -5.42
N TYR F 163 11.93 -16.90 -4.22
CA TYR F 163 11.51 -16.10 -3.09
C TYR F 163 12.60 -15.13 -2.69
N PHE F 164 12.19 -13.94 -2.28
CA PHE F 164 13.12 -12.98 -1.70
C PHE F 164 13.67 -13.57 -0.41
N PRO F 165 15.00 -13.61 -0.22
CA PRO F 165 15.57 -14.34 0.91
C PRO F 165 15.32 -13.70 2.27
N LEU F 166 14.77 -12.49 2.32
CA LEU F 166 14.57 -11.77 3.58
C LEU F 166 13.09 -11.49 3.78
N GLN F 167 12.64 -11.66 5.02
CA GLN F 167 11.31 -11.24 5.44
C GLN F 167 11.43 -10.25 6.58
N SER F 168 10.56 -9.23 6.55
CA SER F 168 10.59 -8.20 7.58
C SER F 168 9.81 -8.66 8.80
N TYR F 169 10.36 -8.37 9.98
CA TYR F 169 9.65 -8.65 11.22
C TYR F 169 8.36 -7.83 11.27
N GLY F 170 7.32 -8.42 11.84
CA GLY F 170 6.06 -7.72 12.02
C GLY F 170 5.90 -7.21 13.44
N PHE F 171 6.59 -6.13 13.76
CA PHE F 171 6.67 -5.64 15.14
C PHE F 171 5.51 -4.68 15.40
N GLN F 172 4.46 -5.21 16.02
CA GLN F 172 3.34 -4.45 16.54
C GLN F 172 3.36 -4.46 18.07
N PRO F 173 2.88 -3.40 18.72
CA PRO F 173 2.78 -3.43 20.18
C PRO F 173 1.80 -4.48 20.68
N THR F 174 0.79 -4.82 19.89
CA THR F 174 -0.23 -5.79 20.29
C THR F 174 0.20 -7.23 20.11
N ASN F 175 1.43 -7.48 19.67
CA ASN F 175 1.91 -8.84 19.48
C ASN F 175 2.31 -9.47 20.81
N GLY F 176 2.23 -10.80 20.86
CA GLY F 176 2.68 -11.51 22.04
C GLY F 176 4.14 -11.25 22.32
N VAL F 177 4.50 -11.30 23.61
CA VAL F 177 5.85 -10.95 24.02
C VAL F 177 6.88 -11.92 23.45
N GLY F 178 6.47 -13.13 23.06
CA GLY F 178 7.36 -14.03 22.38
C GLY F 178 7.71 -13.60 20.98
N TYR F 179 6.92 -12.71 20.38
CA TYR F 179 7.17 -12.17 19.05
C TYR F 179 7.56 -10.70 19.08
N GLN F 180 7.82 -10.14 20.27
CA GLN F 180 8.17 -8.74 20.40
C GLN F 180 9.67 -8.53 20.10
N PRO F 181 10.05 -7.34 19.65
CA PRO F 181 11.45 -7.09 19.30
C PRO F 181 12.35 -7.13 20.53
N TYR F 182 13.56 -7.64 20.33
CA TYR F 182 14.57 -7.73 21.38
C TYR F 182 15.90 -7.24 20.85
N ARG F 183 16.39 -6.13 21.39
CA ARG F 183 17.70 -5.61 21.03
C ARG F 183 18.78 -6.40 21.78
N VAL F 184 19.69 -7.00 21.04
CA VAL F 184 20.69 -7.90 21.59
C VAL F 184 22.08 -7.30 21.38
N VAL F 185 22.92 -7.43 22.40
CA VAL F 185 24.32 -7.00 22.33
C VAL F 185 25.19 -8.17 22.74
N VAL F 186 26.04 -8.64 21.82
CA VAL F 186 26.94 -9.76 22.06
C VAL F 186 28.34 -9.21 22.24
N LEU F 187 28.85 -9.27 23.47
CA LEU F 187 30.21 -8.83 23.76
C LEU F 187 31.14 -10.03 23.58
N SER F 188 31.98 -9.97 22.55
CA SER F 188 32.97 -11.00 22.27
C SER F 188 34.36 -10.38 22.37
N PHE F 189 35.18 -10.93 23.25
CA PHE F 189 36.52 -10.40 23.48
C PHE F 189 37.52 -11.55 23.59
N GLU F 190 38.75 -11.26 23.19
CA GLU F 190 39.84 -12.24 23.17
C GLU F 190 40.83 -11.89 24.27
N LEU F 191 40.84 -12.68 25.34
CA LEU F 191 41.70 -12.43 26.49
C LEU F 191 43.17 -12.59 26.10
N LEU F 192 44.04 -12.08 26.98
CA LEU F 192 45.47 -12.15 26.74
C LEU F 192 46.00 -13.55 27.02
N HIS F 193 47.32 -13.69 27.09
CA HIS F 193 47.97 -14.98 27.28
C HIS F 193 49.20 -14.80 28.15
N ALA F 194 49.04 -14.07 29.25
CA ALA F 194 50.11 -13.86 30.21
C ALA F 194 50.18 -15.03 31.18
N PRO F 195 51.29 -15.17 31.91
CA PRO F 195 51.32 -16.14 33.01
C PRO F 195 50.21 -15.85 34.01
N ALA F 196 49.73 -16.91 34.66
CA ALA F 196 48.64 -16.77 35.63
C ALA F 196 49.10 -15.99 36.85
N THR F 197 49.54 -14.75 36.64
CA THR F 197 50.02 -13.85 37.70
C THR F 197 49.53 -12.43 37.43
N VAL F 198 49.86 -11.91 36.26
CA VAL F 198 49.46 -10.58 35.82
C VAL F 198 47.94 -10.46 35.86
N CYS F 199 47.27 -11.19 34.97
CA CYS F 199 45.81 -11.19 34.91
C CYS F 199 45.18 -12.47 35.42
N GLY F 200 45.89 -13.59 35.30
CA GLY F 200 45.41 -14.84 35.85
C GLY F 200 45.92 -15.05 37.27
C1 NAG G . -1.98 -19.33 -34.04
C2 NAG G . -1.83 -18.88 -35.48
C3 NAG G . -3.19 -18.55 -36.08
C4 NAG G . -4.15 -19.73 -35.92
C5 NAG G . -4.19 -20.17 -34.45
C6 NAG G . -4.99 -21.43 -34.24
C7 NAG G . 0.23 -17.80 -36.23
C8 NAG G . 1.03 -16.54 -36.28
N2 NAG G . -0.94 -17.73 -35.60
O3 NAG G . -3.03 -18.24 -37.46
O4 NAG G . -5.46 -19.34 -36.33
O5 NAG G . -2.87 -20.44 -33.98
O6 NAG G . -4.59 -22.08 -33.03
O7 NAG G . 0.64 -18.84 -36.75
S SO4 H . 17.97 11.68 2.13
O1 SO4 H . 19.07 12.05 3.02
O2 SO4 H . 16.97 12.74 2.12
O3 SO4 H . 18.49 11.49 0.77
O4 SO4 H . 17.37 10.44 2.60
C1 NAG I . 21.36 4.60 28.40
C2 NAG I . 22.26 4.13 29.54
C3 NAG I . 21.47 4.06 30.84
C4 NAG I . 20.80 5.40 31.13
C5 NAG I . 19.98 5.85 29.92
C6 NAG I . 19.43 7.25 30.07
C7 NAG I . 24.12 2.66 28.88
C8 NAG I . 24.56 1.26 28.62
N2 NAG I . 22.84 2.82 29.23
O3 NAG I . 22.34 3.71 31.90
O4 NAG I . 19.96 5.28 32.26
O5 NAG I . 20.80 5.87 28.74
O6 NAG I . 19.29 7.89 28.81
O7 NAG I . 24.89 3.62 28.79
S SO4 J . 10.35 -27.65 -10.25
O1 SO4 J . 11.57 -27.43 -9.47
O2 SO4 J . 9.49 -26.48 -10.13
O3 SO4 J . 10.71 -27.87 -11.63
O4 SO4 J . 9.66 -28.83 -9.72
#